data_6FIF
#
_entry.id   6FIF
#
_cell.length_a   119.684
_cell.length_b   67.569
_cell.length_c   151.850
_cell.angle_alpha   90.00
_cell.angle_beta   100.65
_cell.angle_gamma   90.00
#
_symmetry.space_group_name_H-M   'I 1 2 1'
#
loop_
_entity.id
_entity.type
_entity.pdbx_description
1 polymer 'Protein BRASSINOSTEROID INSENSITIVE 1'
2 branched 2-acetamido-2-deoxy-beta-D-glucopyranose-(1-4)-2-acetamido-2-deoxy-beta-D-glucopyranose
3 branched 2-acetamido-2-deoxy-beta-D-glucopyranose-(1-4)-[alpha-L-fucopyranose-(1-6)]2-acetamido-2-deoxy-beta-D-glucopyranose
4 branched beta-D-mannopyranose-(1-4)-2-acetamido-2-deoxy-beta-D-glucopyranose-(1-4)-2-acetamido-2-deoxy-beta-D-glucopyranose
5 non-polymer 2-acetamido-2-deoxy-beta-D-glucopyranose
6 non-polymer 1,2-ETHANEDIOL
7 water water
#
_entity_poly.entity_id   1
_entity_poly.type   'polypeptide(L)'
_entity_poly.pdbx_seq_one_letter_code
;MKTFSSFFLSVTTLFFFSFFSLSFQASPSQSLYREIHQLISFKDVLPDKNLLPDWSSNKNPCTFDGVTCRDDKVTSIDLS
SKPLNVGFSAVSSSLLSLTGLESLFLSNSHINGSVSGFKCSASLTSLDLSRNSLSGPVTTLTSLGSCSGLKFLNVSSNTL
DFPGKVSGGLKLNSLEVLDLSANSISGANVVGWVLSDGCGELKHLAISGNKISGDVDVSRCVNLEFLDVSSNNFSTGIPF
LGDCSALQHLDISGNKLSGDFSRAISTCTELKLLNISSNQFVGPIPPLPLKSLQYLSLAENKFTGEIPDFLSGACDTLTG
LDLSGNHFYGAVPPFFGSCSLLESLALSSNNFSGELPMDTLLKMRGLKVLDLSFNEFSGELPESLTNLSASLLTLDLSSN
NFSGPILPNLCQNPKNTLQELYLQNNGFTGKIPPTLSNCSELVSLHLSFNYLSGTIPSSLGSLSKLRDLKLWLNMLEGEI
PQELMYVKTLETLILDFNDLTGEIPSGLSNCTNLNWISLSNNRLTGEIPKWIGRLENLAILKLSNNSFSGNIPAELGDCR
SLIWLDLNTNLFNGTIPAAMFKQSGKIAANFIAGKRYVYIKNDGMKKECHGAGNLLEFQGIRSEQLNRLSTRNPCNITSR
VYGDHTSPTFDNNGSMMFLDMSYNMLSGYIPKEIGSMPYLFILNLGHNDISGSIPDEVGDLRGLNILDLSSNKLDGRIPQ
AMSALTMLTEIDLSNNNLSGPIPEMGQFETFPPAKFLNNPGLCGYPLPRCDPSNADGYAHHQRSHGRRLENLYFQGSAWS
HPQFEKGGGSGGGSGGSAWSHPQFEKGAHHHHHHHHH
;
_entity_poly.pdbx_strand_id   A
#
loop_
_chem_comp.id
_chem_comp.type
_chem_comp.name
_chem_comp.formula
BMA D-saccharide, beta linking beta-D-mannopyranose 'C6 H12 O6'
EDO non-polymer 1,2-ETHANEDIOL 'C2 H6 O2'
FUC L-saccharide, alpha linking alpha-L-fucopyranose 'C6 H12 O5'
NAG D-saccharide, beta linking 2-acetamido-2-deoxy-beta-D-glucopyranose 'C8 H15 N O6'
#
# COMPACT_ATOMS: atom_id res chain seq x y z
N SER A 29 -46.98 -7.34 -29.01
CA SER A 29 -46.51 -8.70 -29.44
C SER A 29 -46.17 -9.58 -28.21
N GLN A 30 -45.87 -10.85 -28.50
CA GLN A 30 -45.42 -11.82 -27.51
C GLN A 30 -44.10 -11.50 -26.87
N SER A 31 -43.19 -10.89 -27.61
CA SER A 31 -41.86 -10.48 -27.07
C SER A 31 -41.93 -9.40 -25.95
N LEU A 32 -42.95 -8.51 -26.00
CA LEU A 32 -43.21 -7.56 -24.86
C LEU A 32 -43.69 -8.25 -23.62
N TYR A 33 -44.67 -9.12 -23.83
CA TYR A 33 -45.20 -9.98 -22.76
C TYR A 33 -44.09 -10.88 -22.17
N ARG A 34 -43.20 -11.43 -23.02
CA ARG A 34 -42.11 -12.22 -22.58
C ARG A 34 -41.08 -11.42 -21.80
N GLU A 35 -40.82 -10.20 -22.21
CA GLU A 35 -39.76 -9.40 -21.65
C GLU A 35 -40.09 -9.15 -20.17
N ILE A 36 -41.30 -8.72 -19.88
CA ILE A 36 -41.66 -8.29 -18.53
C ILE A 36 -41.66 -9.51 -17.59
N HIS A 37 -42.23 -10.63 -18.04
CA HIS A 37 -42.25 -11.87 -17.26
C HIS A 37 -40.85 -12.47 -16.97
N GLN A 38 -39.93 -12.38 -17.93
CA GLN A 38 -38.57 -12.79 -17.74
C GLN A 38 -37.82 -11.95 -16.72
N LEU A 39 -37.99 -10.63 -16.82
CA LEU A 39 -37.30 -9.70 -15.91
C LEU A 39 -37.81 -9.92 -14.47
N ILE A 40 -39.11 -10.11 -14.30
CA ILE A 40 -39.70 -10.25 -13.01
C ILE A 40 -39.42 -11.62 -12.41
N SER A 41 -39.26 -12.64 -13.23
CA SER A 41 -38.82 -13.95 -12.74
C SER A 41 -37.38 -13.90 -12.24
N PHE A 42 -36.58 -13.09 -12.84
CA PHE A 42 -35.23 -12.80 -12.34
C PHE A 42 -35.26 -12.10 -10.98
N LYS A 43 -36.12 -11.12 -10.82
CA LYS A 43 -36.23 -10.41 -9.58
C LYS A 43 -36.62 -11.37 -8.47
N ASP A 44 -37.57 -12.26 -8.74
CA ASP A 44 -38.11 -13.17 -7.79
C ASP A 44 -37.10 -14.20 -7.24
N VAL A 45 -36.12 -14.63 -8.04
CA VAL A 45 -35.07 -15.56 -7.61
CA VAL A 45 -35.08 -15.55 -7.57
C VAL A 45 -34.05 -14.87 -6.68
N LEU A 46 -33.91 -13.56 -6.75
CA LEU A 46 -32.90 -12.83 -5.94
C LEU A 46 -33.18 -12.97 -4.45
N PRO A 47 -32.17 -13.31 -3.63
CA PRO A 47 -32.34 -13.43 -2.18
C PRO A 47 -32.84 -12.19 -1.52
N ASP A 48 -32.36 -11.03 -1.95
CA ASP A 48 -32.80 -9.73 -1.42
C ASP A 48 -33.80 -9.15 -2.39
N LYS A 49 -35.06 -9.05 -1.95
CA LYS A 49 -36.18 -8.44 -2.81
C LYS A 49 -36.04 -6.95 -3.07
N ASN A 50 -35.40 -6.25 -2.11
CA ASN A 50 -35.27 -4.76 -2.11
C ASN A 50 -34.35 -4.20 -3.15
N LEU A 51 -33.65 -5.01 -3.94
CA LEU A 51 -32.62 -4.51 -4.83
C LEU A 51 -33.22 -3.83 -6.04
N LEU A 52 -34.38 -4.35 -6.46
CA LEU A 52 -35.04 -3.84 -7.67
C LEU A 52 -36.47 -3.54 -7.30
N PRO A 53 -36.66 -2.56 -6.42
CA PRO A 53 -37.99 -2.30 -5.88
C PRO A 53 -38.98 -1.71 -6.90
N ASP A 54 -38.47 -0.92 -7.84
CA ASP A 54 -39.29 -0.34 -8.93
C ASP A 54 -39.66 -1.31 -10.03
N TRP A 55 -38.96 -2.45 -10.11
CA TRP A 55 -39.32 -3.52 -11.04
C TRP A 55 -40.59 -4.20 -10.51
N SER A 56 -41.67 -4.18 -11.27
CA SER A 56 -42.84 -4.93 -10.93
C SER A 56 -43.63 -5.30 -12.16
N SER A 57 -44.49 -6.28 -11.99
CA SER A 57 -45.22 -6.82 -13.09
C SER A 57 -46.38 -5.92 -13.40
N ASN A 58 -46.97 -6.07 -14.60
CA ASN A 58 -47.96 -5.11 -15.09
C ASN A 58 -47.44 -3.62 -15.08
N LYS A 59 -46.16 -3.42 -15.39
CA LYS A 59 -45.53 -2.08 -15.47
C LYS A 59 -44.45 -2.10 -16.58
N ASN A 60 -44.16 -0.99 -17.25
CA ASN A 60 -43.34 -1.03 -18.51
C ASN A 60 -41.89 -1.13 -18.09
N PRO A 61 -41.14 -2.11 -18.61
CA PRO A 61 -39.75 -2.23 -18.24
C PRO A 61 -38.88 -1.01 -18.54
N CYS A 62 -39.26 -0.19 -19.54
CA CYS A 62 -38.47 0.99 -19.86
C CYS A 62 -38.43 2.09 -18.83
N THR A 63 -39.30 1.98 -17.82
CA THR A 63 -39.27 2.83 -16.66
C THR A 63 -38.44 2.31 -15.50
N PHE A 64 -37.69 1.19 -15.68
CA PHE A 64 -37.05 0.50 -14.52
C PHE A 64 -35.65 0.98 -14.34
N ASP A 65 -35.15 1.02 -13.10
CA ASP A 65 -33.73 1.33 -12.83
CA ASP A 65 -33.76 1.36 -12.87
C ASP A 65 -32.89 0.15 -13.26
N GLY A 66 -31.83 0.42 -13.99
CA GLY A 66 -30.99 -0.57 -14.60
C GLY A 66 -31.29 -0.80 -16.07
N VAL A 67 -32.50 -0.44 -16.54
CA VAL A 67 -32.88 -0.69 -17.94
C VAL A 67 -32.63 0.53 -18.84
N THR A 68 -32.07 0.29 -20.01
CA THR A 68 -32.01 1.17 -21.10
C THR A 68 -33.00 0.69 -22.19
N CYS A 69 -33.78 1.64 -22.72
CA CYS A 69 -34.71 1.39 -23.80
C CYS A 69 -34.49 2.32 -25.01
N ARG A 70 -34.73 1.75 -26.19
CA ARG A 70 -34.79 2.50 -27.43
CA ARG A 70 -34.79 2.52 -27.43
C ARG A 70 -36.11 2.17 -28.10
N ASP A 71 -36.97 3.20 -28.27
CA ASP A 71 -38.27 3.07 -28.90
C ASP A 71 -39.11 2.08 -28.16
N ASP A 72 -39.15 2.20 -26.85
CA ASP A 72 -40.06 1.37 -26.01
C ASP A 72 -39.69 -0.13 -26.01
N LYS A 73 -38.43 -0.44 -26.31
CA LYS A 73 -37.90 -1.83 -26.29
C LYS A 73 -36.60 -1.88 -25.54
N VAL A 74 -36.51 -2.86 -24.64
CA VAL A 74 -35.28 -3.06 -23.82
C VAL A 74 -34.04 -3.38 -24.68
N THR A 75 -32.99 -2.53 -24.57
CA THR A 75 -31.77 -2.74 -25.31
C THR A 75 -30.57 -3.07 -24.45
N SER A 76 -30.58 -2.62 -23.20
CA SER A 76 -29.49 -2.82 -22.29
C SER A 76 -29.93 -2.91 -20.85
N ILE A 77 -29.19 -3.70 -20.06
CA ILE A 77 -29.44 -3.94 -18.65
C ILE A 77 -28.15 -3.73 -17.92
N ASP A 78 -28.21 -3.00 -16.84
CA ASP A 78 -27.03 -2.71 -16.01
C ASP A 78 -27.37 -2.87 -14.55
N LEU A 79 -26.95 -4.00 -13.97
CA LEU A 79 -27.13 -4.31 -12.54
C LEU A 79 -25.78 -4.48 -11.84
N SER A 80 -24.80 -3.70 -12.29
CA SER A 80 -23.47 -3.62 -11.72
C SER A 80 -23.44 -3.04 -10.34
N SER A 81 -22.54 -3.54 -9.52
CA SER A 81 -22.39 -3.10 -8.11
C SER A 81 -23.62 -3.29 -7.26
N LYS A 82 -24.43 -4.28 -7.57
CA LYS A 82 -25.58 -4.61 -6.75
C LYS A 82 -25.42 -6.05 -6.32
N PRO A 83 -25.49 -6.30 -5.02
CA PRO A 83 -25.27 -7.66 -4.52
C PRO A 83 -26.44 -8.57 -4.82
N LEU A 84 -26.49 -9.05 -6.06
CA LEU A 84 -27.66 -9.87 -6.55
C LEU A 84 -27.69 -11.27 -5.92
N ASN A 85 -26.50 -11.87 -5.79
CA ASN A 85 -26.24 -13.11 -5.07
C ASN A 85 -27.03 -14.20 -5.68
N VAL A 86 -26.77 -14.42 -6.96
CA VAL A 86 -27.47 -15.44 -7.73
C VAL A 86 -26.49 -16.19 -8.66
N GLY A 87 -26.80 -17.43 -9.08
CA GLY A 87 -25.92 -18.12 -10.00
C GLY A 87 -26.05 -17.55 -11.39
N PHE A 88 -25.10 -17.91 -12.25
CA PHE A 88 -25.13 -17.52 -13.68
C PHE A 88 -26.33 -18.08 -14.40
N SER A 89 -26.83 -19.22 -13.94
CA SER A 89 -27.98 -19.90 -14.52
C SER A 89 -29.24 -19.04 -14.53
N ALA A 90 -29.37 -18.20 -13.51
CA ALA A 90 -30.46 -17.25 -13.43
C ALA A 90 -30.27 -16.10 -14.42
N VAL A 91 -29.03 -15.68 -14.64
CA VAL A 91 -28.73 -14.65 -15.59
C VAL A 91 -28.95 -15.17 -17.00
N SER A 92 -28.55 -16.39 -17.28
CA SER A 92 -28.63 -16.93 -18.64
C SER A 92 -30.06 -17.25 -19.03
N SER A 93 -30.82 -17.74 -18.08
CA SER A 93 -32.19 -18.14 -18.36
C SER A 93 -33.13 -16.95 -18.53
N SER A 94 -32.99 -15.97 -17.66
CA SER A 94 -33.82 -14.82 -17.68
C SER A 94 -33.35 -13.65 -18.58
N LEU A 95 -32.16 -13.14 -18.34
CA LEU A 95 -31.67 -11.98 -18.96
C LEU A 95 -31.05 -12.21 -20.36
N LEU A 96 -30.10 -13.13 -20.52
CA LEU A 96 -29.35 -13.25 -21.80
C LEU A 96 -30.18 -13.76 -22.98
N SER A 97 -31.35 -14.32 -22.73
CA SER A 97 -32.27 -14.80 -23.76
C SER A 97 -33.28 -13.75 -24.21
N LEU A 98 -33.32 -12.59 -23.57
CA LEU A 98 -34.26 -11.48 -23.92
C LEU A 98 -34.06 -11.02 -25.35
N THR A 99 -35.15 -10.89 -26.12
CA THR A 99 -35.07 -10.47 -27.54
C THR A 99 -34.62 -9.01 -27.59
N GLY A 100 -33.64 -8.74 -28.44
CA GLY A 100 -33.08 -7.41 -28.66
C GLY A 100 -32.19 -6.87 -27.60
N LEU A 101 -31.76 -7.67 -26.63
CA LEU A 101 -30.76 -7.22 -25.67
C LEU A 101 -29.40 -7.11 -26.36
N GLU A 102 -28.83 -5.91 -26.33
CA GLU A 102 -27.58 -5.58 -26.97
C GLU A 102 -26.38 -5.59 -26.04
N SER A 103 -26.60 -5.26 -24.78
CA SER A 103 -25.56 -5.23 -23.81
C SER A 103 -26.05 -5.55 -22.43
N LEU A 104 -25.22 -6.23 -21.63
CA LEU A 104 -25.57 -6.69 -20.26
C LEU A 104 -24.37 -6.44 -19.37
N PHE A 105 -24.50 -5.52 -18.46
CA PHE A 105 -23.36 -5.13 -17.60
C PHE A 105 -23.63 -5.63 -16.22
N LEU A 106 -22.84 -6.61 -15.74
CA LEU A 106 -23.05 -7.18 -14.42
C LEU A 106 -21.71 -7.28 -13.70
N SER A 107 -21.01 -6.20 -13.62
CA SER A 107 -19.74 -6.14 -12.96
C SER A 107 -19.99 -5.97 -11.50
N ASN A 108 -19.28 -6.74 -10.69
CA ASN A 108 -19.38 -6.64 -9.24
C ASN A 108 -20.76 -6.91 -8.74
N SER A 109 -21.40 -7.93 -9.31
CA SER A 109 -22.82 -8.19 -9.04
C SER A 109 -23.08 -9.39 -8.15
N HIS A 110 -22.00 -9.98 -7.59
CA HIS A 110 -22.04 -11.19 -6.81
C HIS A 110 -22.78 -12.30 -7.52
N ILE A 111 -22.29 -12.69 -8.68
CA ILE A 111 -22.75 -13.84 -9.45
C ILE A 111 -21.66 -14.94 -9.30
N ASN A 112 -22.13 -16.17 -9.14
CA ASN A 112 -21.25 -17.33 -9.02
C ASN A 112 -21.72 -18.47 -9.85
N GLY A 113 -21.01 -19.62 -9.74
CA GLY A 113 -21.27 -20.78 -10.52
C GLY A 113 -20.54 -20.66 -11.83
N SER A 114 -21.02 -21.40 -12.82
CA SER A 114 -20.30 -21.60 -14.06
C SER A 114 -21.18 -21.24 -15.21
N VAL A 115 -20.52 -20.86 -16.29
CA VAL A 115 -21.11 -20.76 -17.59
C VAL A 115 -21.34 -22.16 -18.19
N SER A 116 -22.48 -22.34 -18.85
CA SER A 116 -22.73 -23.55 -19.66
C SER A 116 -23.63 -23.09 -20.84
N GLY A 117 -24.16 -24.03 -21.61
CA GLY A 117 -24.97 -23.77 -22.78
C GLY A 117 -26.26 -23.13 -22.42
N PHE A 118 -26.66 -22.16 -23.23
CA PHE A 118 -27.98 -21.50 -23.09
C PHE A 118 -28.40 -20.88 -24.41
N LYS A 119 -29.67 -20.50 -24.50
CA LYS A 119 -30.18 -19.74 -25.65
C LYS A 119 -29.81 -18.28 -25.46
N CYS A 120 -28.89 -17.80 -26.30
CA CYS A 120 -28.40 -16.41 -26.28
C CYS A 120 -28.97 -15.65 -27.42
N SER A 121 -29.36 -14.40 -27.20
CA SER A 121 -29.98 -13.62 -28.27
C SER A 121 -28.93 -13.17 -29.28
N ALA A 122 -29.33 -13.06 -30.55
CA ALA A 122 -28.43 -12.73 -31.66
C ALA A 122 -27.92 -11.29 -31.60
N SER A 123 -28.68 -10.42 -30.95
CA SER A 123 -28.32 -9.01 -30.86
C SER A 123 -27.29 -8.69 -29.78
N LEU A 124 -26.99 -9.61 -28.86
CA LEU A 124 -26.07 -9.29 -27.74
C LEU A 124 -24.63 -9.07 -28.18
N THR A 125 -24.15 -7.83 -28.08
CA THR A 125 -22.80 -7.46 -28.47
C THR A 125 -21.83 -7.41 -27.31
N SER A 126 -22.25 -6.94 -26.15
CA SER A 126 -21.37 -6.80 -25.02
C SER A 126 -21.85 -7.54 -23.77
N LEU A 127 -20.93 -8.16 -23.03
CA LEU A 127 -21.22 -8.89 -21.80
C LEU A 127 -20.09 -8.64 -20.80
N ASP A 128 -20.41 -7.97 -19.73
CA ASP A 128 -19.44 -7.67 -18.69
C ASP A 128 -19.85 -8.50 -17.47
N LEU A 129 -19.08 -9.57 -17.18
CA LEU A 129 -19.26 -10.36 -15.98
C LEU A 129 -18.01 -10.28 -15.15
N SER A 130 -17.35 -9.12 -15.18
CA SER A 130 -16.15 -8.88 -14.36
C SER A 130 -16.45 -8.78 -12.86
N ARG A 131 -15.43 -9.00 -12.06
CA ARG A 131 -15.53 -8.90 -10.62
C ARG A 131 -16.66 -9.68 -9.95
N ASN A 132 -16.81 -10.92 -10.38
CA ASN A 132 -17.81 -11.84 -9.86
C ASN A 132 -17.05 -13.06 -9.29
N SER A 133 -17.77 -14.08 -8.81
CA SER A 133 -17.18 -15.30 -8.35
C SER A 133 -17.46 -16.47 -9.30
N LEU A 134 -17.40 -16.23 -10.60
CA LEU A 134 -17.51 -17.32 -11.55
C LEU A 134 -16.33 -18.31 -11.41
N SER A 135 -16.66 -19.58 -11.54
CA SER A 135 -15.72 -20.68 -11.28
C SER A 135 -15.84 -21.72 -12.39
N GLY A 136 -14.88 -22.66 -12.34
CA GLY A 136 -14.82 -23.74 -13.30
C GLY A 136 -13.67 -23.54 -14.24
N PRO A 137 -13.46 -24.49 -15.18
CA PRO A 137 -12.44 -24.30 -16.20
C PRO A 137 -12.79 -23.18 -17.16
N VAL A 138 -11.77 -22.60 -17.75
CA VAL A 138 -11.96 -21.49 -18.68
C VAL A 138 -12.58 -21.96 -20.02
N THR A 139 -12.58 -23.28 -20.29
CA THR A 139 -13.31 -23.86 -21.42
C THR A 139 -14.82 -23.65 -21.33
N THR A 140 -15.34 -23.26 -20.16
CA THR A 140 -16.78 -23.00 -19.99
C THR A 140 -17.20 -21.80 -20.80
N LEU A 141 -16.26 -20.88 -21.07
CA LEU A 141 -16.61 -19.68 -21.79
C LEU A 141 -16.92 -20.01 -23.25
N THR A 142 -16.45 -21.13 -23.78
CA THR A 142 -16.73 -21.51 -25.15
C THR A 142 -18.20 -21.55 -25.43
N SER A 143 -19.01 -21.87 -24.43
CA SER A 143 -20.47 -21.97 -24.59
C SER A 143 -21.16 -20.58 -24.81
N LEU A 144 -20.44 -19.47 -24.58
CA LEU A 144 -20.83 -18.12 -25.02
C LEU A 144 -20.82 -17.94 -26.57
N GLY A 145 -20.31 -18.93 -27.29
CA GLY A 145 -20.45 -18.98 -28.74
C GLY A 145 -21.86 -18.99 -29.27
N SER A 146 -22.84 -19.33 -28.42
CA SER A 146 -24.29 -19.19 -28.72
C SER A 146 -24.66 -17.76 -29.14
N CYS A 147 -24.07 -16.80 -28.41
CA CYS A 147 -24.17 -15.40 -28.71
C CYS A 147 -23.44 -15.08 -30.00
N SER A 148 -24.09 -15.29 -31.15
CA SER A 148 -23.53 -15.06 -32.52
C SER A 148 -23.03 -13.64 -32.79
N GLY A 149 -23.63 -12.65 -32.14
CA GLY A 149 -23.13 -11.28 -32.24
C GLY A 149 -22.21 -10.73 -31.20
N LEU A 150 -21.68 -11.58 -30.33
CA LEU A 150 -20.81 -11.15 -29.21
C LEU A 150 -19.48 -10.65 -29.69
N LYS A 151 -19.19 -9.40 -29.40
CA LYS A 151 -17.97 -8.73 -29.76
C LYS A 151 -17.12 -8.36 -28.59
N PHE A 152 -17.72 -8.07 -27.43
CA PHE A 152 -17.00 -7.58 -26.24
CA PHE A 152 -17.00 -7.57 -26.28
C PHE A 152 -17.31 -8.44 -25.07
N LEU A 153 -16.29 -9.02 -24.45
CA LEU A 153 -16.42 -9.98 -23.30
C LEU A 153 -15.42 -9.63 -22.20
N ASN A 154 -15.89 -9.44 -20.98
CA ASN A 154 -15.01 -9.08 -19.83
C ASN A 154 -15.42 -10.11 -18.73
N VAL A 155 -14.52 -11.07 -18.42
CA VAL A 155 -14.77 -12.03 -17.33
C VAL A 155 -13.62 -11.96 -16.39
N SER A 156 -13.04 -10.80 -16.23
CA SER A 156 -11.93 -10.57 -15.39
C SER A 156 -12.30 -10.48 -13.95
N SER A 157 -11.30 -10.60 -13.10
CA SER A 157 -11.57 -10.73 -11.68
C SER A 157 -12.65 -11.75 -11.32
N ASN A 158 -12.48 -12.96 -11.83
CA ASN A 158 -13.25 -14.11 -11.43
C ASN A 158 -12.27 -15.20 -10.86
N THR A 159 -12.79 -16.38 -10.57
CA THR A 159 -11.93 -17.54 -10.19
C THR A 159 -11.88 -18.66 -11.24
N LEU A 160 -11.84 -18.33 -12.53
CA LEU A 160 -11.75 -19.34 -13.64
C LEU A 160 -10.36 -19.90 -13.69
N ASP A 161 -10.23 -21.17 -14.10
CA ASP A 161 -8.87 -21.82 -14.14
C ASP A 161 -8.63 -22.66 -15.38
N PHE A 162 -7.47 -23.31 -15.49
CA PHE A 162 -7.21 -24.25 -16.61
C PHE A 162 -6.60 -25.47 -16.03
N PRO A 163 -7.42 -26.49 -15.76
CA PRO A 163 -6.90 -27.71 -15.17
C PRO A 163 -6.29 -28.60 -16.28
N GLY A 164 -5.05 -29.03 -16.05
CA GLY A 164 -4.39 -29.95 -16.90
C GLY A 164 -3.93 -29.39 -18.22
N LYS A 165 -3.73 -30.34 -19.16
CA LYS A 165 -3.19 -30.11 -20.51
C LYS A 165 -4.13 -29.17 -21.30
N VAL A 166 -3.49 -28.26 -22.03
CA VAL A 166 -4.16 -27.24 -22.81
C VAL A 166 -4.34 -27.79 -24.26
N SER A 167 -5.60 -28.07 -24.62
CA SER A 167 -5.98 -28.63 -25.93
C SER A 167 -7.28 -27.93 -26.41
N GLY A 168 -7.59 -28.05 -27.70
CA GLY A 168 -8.81 -27.45 -28.30
C GLY A 168 -8.66 -25.95 -28.55
N GLY A 169 -9.66 -25.20 -28.15
CA GLY A 169 -9.65 -23.75 -28.32
C GLY A 169 -10.81 -23.08 -27.63
N LEU A 170 -10.70 -21.78 -27.42
CA LEU A 170 -11.82 -20.98 -26.88
C LEU A 170 -12.99 -20.86 -27.87
N LYS A 171 -12.73 -20.86 -29.19
CA LYS A 171 -13.78 -20.82 -30.25
C LYS A 171 -14.74 -19.61 -30.19
N LEU A 172 -14.21 -18.46 -29.79
CA LEU A 172 -14.90 -17.18 -29.83
C LEU A 172 -14.06 -16.27 -30.74
N ASN A 173 -13.96 -16.70 -32.00
CA ASN A 173 -13.27 -15.98 -33.05
C ASN A 173 -13.93 -14.68 -33.47
N SER A 174 -15.24 -14.48 -33.17
CA SER A 174 -15.93 -13.21 -33.40
C SER A 174 -15.61 -12.04 -32.46
N LEU A 175 -14.88 -12.28 -31.37
CA LEU A 175 -14.61 -11.22 -30.37
C LEU A 175 -13.62 -10.19 -30.86
N GLU A 176 -13.95 -8.90 -30.65
CA GLU A 176 -13.06 -7.80 -30.79
C GLU A 176 -12.30 -7.49 -29.51
N VAL A 177 -12.89 -7.71 -28.34
CA VAL A 177 -12.26 -7.43 -27.06
C VAL A 177 -12.50 -8.58 -26.08
N LEU A 178 -11.43 -9.10 -25.52
CA LEU A 178 -11.49 -10.20 -24.53
C LEU A 178 -10.62 -9.82 -23.34
N ASP A 179 -11.20 -9.85 -22.15
CA ASP A 179 -10.48 -9.56 -20.96
C ASP A 179 -10.66 -10.77 -20.02
N LEU A 180 -9.55 -11.55 -19.83
CA LEU A 180 -9.59 -12.75 -18.98
C LEU A 180 -8.67 -12.58 -17.78
N SER A 181 -8.34 -11.34 -17.47
CA SER A 181 -7.40 -10.96 -16.46
C SER A 181 -7.85 -11.29 -15.09
N ALA A 182 -6.89 -11.47 -14.18
CA ALA A 182 -7.12 -11.61 -12.77
C ALA A 182 -8.07 -12.75 -12.54
N ASN A 183 -7.78 -13.85 -13.20
CA ASN A 183 -8.37 -15.16 -12.90
C ASN A 183 -7.36 -16.09 -12.18
N SER A 184 -7.70 -17.36 -12.04
CA SER A 184 -6.77 -18.39 -11.54
C SER A 184 -6.31 -19.32 -12.64
N ILE A 185 -5.99 -18.77 -13.78
CA ILE A 185 -5.65 -19.54 -14.97
C ILE A 185 -4.18 -19.82 -14.88
N SER A 186 -3.83 -21.10 -14.84
CA SER A 186 -2.45 -21.56 -14.62
C SER A 186 -2.14 -22.62 -15.68
N GLY A 187 -1.11 -22.41 -16.48
CA GLY A 187 -0.94 -23.20 -17.68
C GLY A 187 0.03 -22.70 -18.72
N ALA A 188 0.61 -23.59 -19.50
CA ALA A 188 1.45 -23.29 -20.61
C ALA A 188 0.61 -23.19 -21.89
N ASN A 189 0.96 -22.20 -22.73
CA ASN A 189 0.34 -22.01 -24.02
C ASN A 189 -1.19 -21.79 -23.99
N VAL A 190 -1.66 -21.10 -22.96
CA VAL A 190 -3.07 -20.75 -22.85
C VAL A 190 -3.38 -19.64 -23.88
N VAL A 191 -2.40 -18.80 -24.23
CA VAL A 191 -2.63 -17.82 -25.25
C VAL A 191 -2.88 -18.45 -26.64
N GLY A 192 -2.15 -19.47 -27.03
CA GLY A 192 -2.44 -20.21 -28.28
C GLY A 192 -3.82 -20.86 -28.23
N TRP A 193 -4.30 -21.23 -27.04
CA TRP A 193 -5.65 -21.78 -26.89
C TRP A 193 -6.73 -20.74 -27.13
N VAL A 194 -6.50 -19.51 -26.63
CA VAL A 194 -7.44 -18.47 -26.79
C VAL A 194 -7.58 -18.19 -28.30
N LEU A 195 -6.44 -18.18 -28.98
CA LEU A 195 -6.36 -17.74 -30.37
C LEU A 195 -6.37 -18.87 -31.37
N SER A 196 -7.02 -19.98 -31.06
CA SER A 196 -6.69 -21.23 -31.80
C SER A 196 -7.51 -21.28 -33.07
N ASP A 197 -8.79 -20.91 -32.94
CA ASP A 197 -9.72 -20.89 -34.09
C ASP A 197 -9.85 -19.50 -34.73
N GLY A 198 -8.79 -18.71 -34.66
CA GLY A 198 -8.67 -17.44 -35.36
C GLY A 198 -8.75 -16.23 -34.44
N CYS A 199 -8.10 -15.14 -34.90
CA CYS A 199 -8.05 -13.84 -34.20
C CYS A 199 -7.98 -12.62 -35.15
N GLY A 200 -8.62 -12.74 -36.32
CA GLY A 200 -8.62 -11.65 -37.31
C GLY A 200 -9.44 -10.44 -36.88
N GLU A 201 -10.42 -10.62 -36.00
CA GLU A 201 -11.25 -9.60 -35.48
C GLU A 201 -10.71 -9.00 -34.17
N LEU A 202 -9.73 -9.62 -33.56
CA LEU A 202 -9.42 -9.29 -32.15
C LEU A 202 -8.62 -7.99 -32.09
N LYS A 203 -9.15 -7.02 -31.35
CA LYS A 203 -8.49 -5.72 -31.22
C LYS A 203 -7.83 -5.56 -29.90
N HIS A 204 -8.41 -6.12 -28.87
CA HIS A 204 -7.91 -5.96 -27.48
C HIS A 204 -7.90 -7.30 -26.73
N LEU A 205 -6.69 -7.78 -26.39
CA LEU A 205 -6.47 -9.02 -25.62
C LEU A 205 -5.76 -8.70 -24.35
N ALA A 206 -6.43 -8.90 -23.25
CA ALA A 206 -5.86 -8.63 -21.96
C ALA A 206 -6.04 -9.93 -21.22
N ILE A 207 -4.92 -10.44 -20.61
CA ILE A 207 -4.93 -11.66 -19.86
C ILE A 207 -3.99 -11.59 -18.73
N SER A 208 -3.95 -10.45 -18.05
CA SER A 208 -2.96 -10.27 -17.00
C SER A 208 -3.39 -10.83 -15.72
N GLY A 209 -2.45 -11.00 -14.78
CA GLY A 209 -2.79 -11.47 -13.40
C GLY A 209 -3.27 -12.91 -13.30
N ASN A 210 -2.65 -13.75 -14.06
CA ASN A 210 -2.89 -15.18 -14.10
C ASN A 210 -1.49 -15.85 -13.88
N LYS A 211 -1.34 -17.15 -14.18
CA LYS A 211 -0.06 -17.85 -14.09
C LYS A 211 0.19 -18.60 -15.37
N ILE A 212 0.11 -17.84 -16.44
CA ILE A 212 0.24 -18.33 -17.80
C ILE A 212 1.71 -18.29 -18.20
N SER A 213 2.15 -19.30 -18.92
CA SER A 213 3.56 -19.42 -19.37
C SER A 213 3.59 -19.87 -20.82
N GLY A 214 4.77 -19.87 -21.40
CA GLY A 214 4.84 -20.42 -22.71
C GLY A 214 5.11 -19.41 -23.79
N ASP A 215 4.70 -19.79 -25.00
CA ASP A 215 4.77 -18.99 -26.20
C ASP A 215 3.53 -18.05 -26.28
N VAL A 216 3.76 -16.88 -26.82
CA VAL A 216 2.66 -15.91 -27.19
C VAL A 216 2.86 -15.53 -28.70
N ASP A 217 2.04 -16.10 -29.58
CA ASP A 217 2.11 -15.76 -31.00
C ASP A 217 0.81 -14.97 -31.44
N VAL A 218 0.97 -13.69 -31.73
CA VAL A 218 -0.14 -12.83 -32.19
C VAL A 218 0.14 -12.28 -33.62
N SER A 219 0.92 -13.02 -34.42
CA SER A 219 1.29 -12.65 -35.78
C SER A 219 0.11 -12.77 -36.73
N ARG A 220 -0.79 -13.76 -36.54
CA ARG A 220 -2.01 -13.89 -37.35
CA ARG A 220 -1.98 -13.84 -37.38
C ARG A 220 -3.06 -12.87 -36.95
N CYS A 221 -2.98 -12.35 -35.74
CA CYS A 221 -3.92 -11.28 -35.23
C CYS A 221 -3.57 -9.91 -35.80
N VAL A 222 -3.82 -9.68 -37.07
CA VAL A 222 -3.33 -8.49 -37.81
C VAL A 222 -4.03 -7.13 -37.42
N ASN A 223 -5.17 -7.14 -36.73
CA ASN A 223 -5.85 -5.94 -36.27
C ASN A 223 -5.68 -5.71 -34.76
N LEU A 224 -4.77 -6.44 -34.11
CA LEU A 224 -4.58 -6.34 -32.65
C LEU A 224 -3.91 -5.02 -32.32
N GLU A 225 -4.61 -4.26 -31.49
CA GLU A 225 -4.13 -2.95 -31.03
C GLU A 225 -3.59 -3.00 -29.64
N PHE A 226 -4.23 -3.78 -28.78
CA PHE A 226 -3.87 -3.85 -27.33
C PHE A 226 -3.50 -5.30 -26.89
N LEU A 227 -2.33 -5.47 -26.33
CA LEU A 227 -1.86 -6.77 -25.80
C LEU A 227 -1.30 -6.57 -24.37
N ASP A 228 -1.98 -7.16 -23.41
CA ASP A 228 -1.58 -7.16 -22.01
C ASP A 228 -1.44 -8.59 -21.47
N VAL A 229 -0.20 -9.06 -21.36
CA VAL A 229 0.11 -10.35 -20.83
C VAL A 229 0.93 -10.25 -19.57
N SER A 230 0.70 -9.18 -18.84
CA SER A 230 1.53 -8.85 -17.69
C SER A 230 1.12 -9.62 -16.44
N SER A 231 1.92 -9.47 -15.40
CA SER A 231 1.74 -10.23 -14.13
C SER A 231 1.35 -11.71 -14.38
N ASN A 232 2.22 -12.42 -15.07
CA ASN A 232 2.03 -13.81 -15.42
C ASN A 232 3.32 -14.61 -15.01
N ASN A 233 3.52 -15.75 -15.66
CA ASN A 233 4.63 -16.61 -15.42
C ASN A 233 5.36 -16.94 -16.73
N PHE A 234 5.65 -15.92 -17.57
CA PHE A 234 6.38 -16.09 -18.85
C PHE A 234 7.85 -15.93 -18.60
N SER A 235 8.59 -16.96 -18.97
CA SER A 235 10.08 -17.01 -18.67
C SER A 235 10.86 -17.56 -19.85
N THR A 236 10.32 -17.46 -21.03
CA THR A 236 10.71 -18.20 -22.24
C THR A 236 10.83 -17.12 -23.35
N GLY A 237 10.05 -17.27 -24.45
CA GLY A 237 10.17 -16.45 -25.60
C GLY A 237 9.49 -15.12 -25.39
N ILE A 238 10.00 -14.10 -26.11
CA ILE A 238 9.33 -12.80 -26.11
C ILE A 238 8.15 -13.04 -27.06
N PRO A 239 7.00 -12.43 -26.81
CA PRO A 239 5.87 -12.61 -27.70
C PRO A 239 6.18 -12.26 -29.14
N PHE A 240 5.83 -13.15 -30.05
CA PHE A 240 6.10 -12.92 -31.49
C PHE A 240 4.91 -12.09 -32.02
N LEU A 241 5.24 -11.00 -32.70
CA LEU A 241 4.20 -10.01 -33.05
C LEU A 241 3.94 -9.93 -34.53
N GLY A 242 4.71 -10.60 -35.36
CA GLY A 242 4.49 -10.53 -36.78
C GLY A 242 4.78 -9.17 -37.34
N ASP A 243 3.94 -8.72 -38.25
CA ASP A 243 4.08 -7.36 -38.85
C ASP A 243 3.77 -6.25 -37.86
N CYS A 244 3.00 -6.59 -36.83
CA CYS A 244 2.76 -5.74 -35.69
C CYS A 244 2.03 -4.48 -36.28
N SER A 245 1.07 -4.70 -37.18
CA SER A 245 0.52 -3.63 -38.03
C SER A 245 -0.35 -2.58 -37.33
N ALA A 246 -1.11 -3.04 -36.35
CA ALA A 246 -2.03 -2.28 -35.60
C ALA A 246 -1.65 -2.10 -34.12
N LEU A 247 -0.57 -2.63 -33.63
CA LEU A 247 -0.31 -2.67 -32.20
C LEU A 247 0.10 -1.31 -31.69
N GLN A 248 -0.69 -0.80 -30.75
CA GLN A 248 -0.47 0.47 -30.11
C GLN A 248 -0.07 0.29 -28.64
N HIS A 249 -0.64 -0.69 -27.96
CA HIS A 249 -0.31 -0.97 -26.51
C HIS A 249 0.29 -2.38 -26.33
N LEU A 250 1.54 -2.48 -25.89
CA LEU A 250 2.16 -3.76 -25.53
C LEU A 250 2.70 -3.76 -24.07
N ASP A 251 2.07 -4.54 -23.21
CA ASP A 251 2.43 -4.70 -21.81
C ASP A 251 2.80 -6.16 -21.50
N ILE A 252 4.10 -6.43 -21.33
CA ILE A 252 4.62 -7.76 -21.02
C ILE A 252 5.30 -7.72 -19.65
N SER A 253 4.91 -6.76 -18.82
CA SER A 253 5.59 -6.53 -17.56
C SER A 253 5.21 -7.64 -16.56
N GLY A 254 6.00 -7.72 -15.49
CA GLY A 254 5.71 -8.59 -14.38
C GLY A 254 5.82 -10.05 -14.76
N ASN A 255 6.90 -10.38 -15.47
CA ASN A 255 7.18 -11.75 -15.83
C ASN A 255 8.67 -12.05 -15.51
N LYS A 256 9.24 -13.09 -16.10
CA LYS A 256 10.64 -13.43 -15.89
C LYS A 256 11.33 -13.42 -17.25
N LEU A 257 10.99 -12.45 -18.09
CA LEU A 257 11.45 -12.40 -19.52
C LEU A 257 12.80 -11.77 -19.69
N SER A 258 13.56 -12.30 -20.65
CA SER A 258 14.83 -11.72 -21.09
C SER A 258 15.03 -11.96 -22.57
N GLY A 259 16.07 -11.30 -23.13
CA GLY A 259 16.37 -11.45 -24.56
C GLY A 259 16.01 -10.28 -25.46
N ASP A 260 15.88 -10.53 -26.77
CA ASP A 260 16.00 -9.47 -27.74
C ASP A 260 14.59 -8.93 -28.03
N PHE A 261 14.06 -8.17 -27.09
CA PHE A 261 12.75 -7.58 -27.20
C PHE A 261 12.73 -6.48 -28.27
N SER A 262 13.89 -5.88 -28.50
CA SER A 262 14.14 -4.87 -29.50
C SER A 262 13.84 -5.38 -30.87
N ARG A 263 14.43 -6.49 -31.21
CA ARG A 263 14.16 -7.11 -32.49
C ARG A 263 12.69 -7.49 -32.63
N ALA A 264 12.05 -7.96 -31.56
CA ALA A 264 10.67 -8.39 -31.61
C ALA A 264 9.68 -7.27 -31.89
N ILE A 265 9.97 -6.04 -31.48
CA ILE A 265 9.08 -4.87 -31.63
C ILE A 265 9.59 -3.93 -32.78
N SER A 266 10.64 -4.29 -33.50
CA SER A 266 11.18 -3.36 -34.45
C SER A 266 10.23 -3.08 -35.64
N THR A 267 9.35 -4.01 -35.98
CA THR A 267 8.35 -3.76 -37.01
C THR A 267 7.12 -3.01 -36.52
N CYS A 268 6.99 -2.74 -35.22
CA CYS A 268 5.80 -2.11 -34.61
C CYS A 268 5.94 -0.59 -34.73
N THR A 269 5.59 -0.11 -35.92
CA THR A 269 5.67 1.30 -36.28
C THR A 269 4.60 2.20 -35.55
N GLU A 270 3.42 1.67 -35.31
CA GLU A 270 2.36 2.29 -34.58
C GLU A 270 2.37 2.23 -33.03
N LEU A 271 3.45 1.83 -32.41
CA LEU A 271 3.44 1.54 -30.97
C LEU A 271 3.45 2.81 -30.14
N LYS A 272 2.47 2.94 -29.28
CA LYS A 272 2.30 4.08 -28.40
C LYS A 272 2.75 3.81 -26.96
N LEU A 273 2.43 2.63 -26.42
CA LEU A 273 2.79 2.27 -25.04
C LEU A 273 3.62 0.95 -25.04
N LEU A 274 4.80 0.98 -24.44
CA LEU A 274 5.66 -0.24 -24.26
C LEU A 274 6.07 -0.34 -22.78
N ASN A 275 5.47 -1.29 -22.05
CA ASN A 275 5.77 -1.55 -20.65
C ASN A 275 6.39 -2.94 -20.53
N ILE A 276 7.70 -3.02 -20.49
CA ILE A 276 8.47 -4.28 -20.24
C ILE A 276 9.05 -4.28 -18.81
N SER A 277 8.44 -3.54 -17.89
CA SER A 277 8.96 -3.43 -16.55
C SER A 277 8.76 -4.75 -15.71
N SER A 278 9.55 -4.85 -14.63
CA SER A 278 9.54 -6.01 -13.81
C SER A 278 9.79 -7.30 -14.60
N ASN A 279 10.99 -7.42 -15.13
CA ASN A 279 11.42 -8.57 -15.90
C ASN A 279 12.92 -8.81 -15.63
N GLN A 280 13.54 -9.71 -16.37
CA GLN A 280 14.96 -10.04 -16.30
C GLN A 280 15.73 -9.55 -17.57
N PHE A 281 15.33 -8.46 -18.19
CA PHE A 281 16.09 -7.90 -19.36
C PHE A 281 17.46 -7.32 -18.94
N VAL A 282 18.50 -7.54 -19.75
CA VAL A 282 19.84 -7.03 -19.44
C VAL A 282 20.42 -6.18 -20.53
N GLY A 283 21.48 -5.48 -20.20
CA GLY A 283 22.32 -4.82 -21.18
C GLY A 283 21.99 -3.37 -21.22
N PRO A 284 22.44 -2.65 -22.25
CA PRO A 284 22.02 -1.29 -22.47
C PRO A 284 20.65 -1.21 -23.11
N ILE A 285 20.10 0.00 -23.09
CA ILE A 285 18.81 0.26 -23.72
C ILE A 285 19.03 0.05 -25.22
N PRO A 286 18.34 -0.90 -25.83
CA PRO A 286 18.52 -1.12 -27.26
C PRO A 286 17.64 -0.15 -28.08
N PRO A 287 17.77 -0.15 -29.42
CA PRO A 287 16.92 0.64 -30.31
C PRO A 287 15.44 0.37 -30.18
N LEU A 288 14.62 1.42 -30.24
CA LEU A 288 13.16 1.29 -30.00
C LEU A 288 12.40 1.97 -31.14
N PRO A 289 11.09 1.64 -31.33
CA PRO A 289 10.25 2.37 -32.31
C PRO A 289 9.70 3.63 -31.63
N LEU A 290 10.20 4.78 -32.13
CA LEU A 290 10.09 6.04 -31.36
C LEU A 290 9.10 7.03 -31.88
N LYS A 291 8.66 6.83 -33.11
CA LYS A 291 8.01 7.84 -33.82
C LYS A 291 6.62 8.11 -33.28
N SER A 292 5.97 7.10 -32.69
CA SER A 292 4.62 7.25 -32.10
C SER A 292 4.59 6.96 -30.60
N LEU A 293 5.75 6.82 -29.97
CA LEU A 293 5.81 6.32 -28.61
C LEU A 293 5.40 7.39 -27.62
N GLN A 294 4.47 7.05 -26.74
CA GLN A 294 4.04 7.98 -25.69
C GLN A 294 4.48 7.56 -24.28
N TYR A 295 4.29 6.30 -23.93
CA TYR A 295 4.70 5.73 -22.59
C TYR A 295 5.73 4.64 -22.75
N LEU A 296 6.85 4.76 -22.05
CA LEU A 296 7.93 3.74 -22.05
C LEU A 296 8.39 3.41 -20.63
N SER A 297 8.22 2.14 -20.26
CA SER A 297 8.77 1.64 -19.01
C SER A 297 9.73 0.49 -19.23
N LEU A 298 10.98 0.67 -18.80
CA LEU A 298 12.02 -0.34 -18.77
C LEU A 298 12.35 -0.58 -17.30
N ALA A 299 11.43 -0.25 -16.40
CA ALA A 299 11.74 -0.20 -14.95
C ALA A 299 11.81 -1.59 -14.33
N GLU A 300 12.53 -1.66 -13.19
CA GLU A 300 12.78 -2.90 -12.43
C GLU A 300 13.27 -4.00 -13.33
N ASN A 301 14.35 -3.74 -14.01
CA ASN A 301 15.04 -4.75 -14.84
C ASN A 301 16.53 -4.77 -14.42
N LYS A 302 17.38 -5.43 -15.22
CA LYS A 302 18.81 -5.41 -15.02
C LYS A 302 19.54 -4.58 -16.16
N PHE A 303 18.98 -3.47 -16.56
CA PHE A 303 19.63 -2.61 -17.60
C PHE A 303 20.85 -1.79 -17.09
N THR A 304 21.78 -1.48 -17.98
CA THR A 304 23.07 -0.88 -17.65
C THR A 304 23.42 0.30 -18.57
N GLY A 305 24.56 0.97 -18.30
CA GLY A 305 25.09 2.03 -19.18
C GLY A 305 24.43 3.37 -18.98
N GLU A 306 24.69 4.29 -19.90
CA GLU A 306 24.08 5.63 -19.86
C GLU A 306 22.81 5.64 -20.72
N ILE A 307 21.95 6.63 -20.48
CA ILE A 307 20.76 6.89 -21.30
C ILE A 307 21.25 7.34 -22.70
N PRO A 308 20.95 6.56 -23.77
CA PRO A 308 21.50 6.91 -25.09
C PRO A 308 20.77 8.09 -25.73
N ASP A 309 21.48 8.76 -26.63
CA ASP A 309 20.97 9.98 -27.31
C ASP A 309 19.88 9.69 -28.33
N PHE A 310 19.79 8.45 -28.81
CA PHE A 310 18.73 8.10 -29.74
C PHE A 310 17.29 8.21 -29.22
N LEU A 311 17.07 8.26 -27.90
CA LEU A 311 15.72 8.51 -27.35
C LEU A 311 15.16 9.91 -27.64
N SER A 312 15.99 10.83 -28.15
CA SER A 312 15.47 12.09 -28.69
C SER A 312 14.35 11.95 -29.74
N GLY A 313 14.30 10.83 -30.50
CA GLY A 313 13.23 10.53 -31.48
C GLY A 313 11.87 10.37 -30.84
N ALA A 314 11.78 10.00 -29.55
CA ALA A 314 10.51 9.97 -28.85
C ALA A 314 9.91 11.35 -28.47
N CYS A 315 10.74 12.37 -28.35
CA CYS A 315 10.31 13.67 -27.86
C CYS A 315 9.16 14.38 -28.60
N ASP A 316 8.83 14.08 -29.85
CA ASP A 316 7.59 14.66 -30.40
C ASP A 316 6.36 14.10 -29.68
N THR A 317 6.42 12.83 -29.24
CA THR A 317 5.23 12.17 -28.63
C THR A 317 5.35 11.65 -27.16
N LEU A 318 6.55 11.53 -26.61
CA LEU A 318 6.76 10.90 -25.33
C LEU A 318 6.11 11.66 -24.15
N THR A 319 5.09 11.04 -23.54
CA THR A 319 4.33 11.59 -22.39
C THR A 319 4.86 11.09 -21.02
N GLY A 320 5.37 9.85 -20.99
CA GLY A 320 5.84 9.25 -19.75
C GLY A 320 7.05 8.37 -19.97
N LEU A 321 8.09 8.53 -19.13
CA LEU A 321 9.25 7.67 -19.16
C LEU A 321 9.48 7.08 -17.73
N ASP A 322 9.88 5.81 -17.69
CA ASP A 322 10.25 5.15 -16.44
C ASP A 322 11.41 4.22 -16.64
N LEU A 323 12.58 4.65 -16.16
CA LEU A 323 13.80 3.90 -16.21
C LEU A 323 14.22 3.53 -14.76
N SER A 324 13.27 3.46 -13.85
CA SER A 324 13.56 3.20 -12.42
C SER A 324 14.00 1.77 -12.16
N GLY A 325 14.90 1.61 -11.19
CA GLY A 325 15.30 0.27 -10.78
C GLY A 325 16.18 -0.54 -11.72
N ASN A 326 17.26 0.09 -12.21
CA ASN A 326 18.20 -0.51 -13.09
C ASN A 326 19.61 -0.01 -12.64
N HIS A 327 20.67 -0.29 -13.39
CA HIS A 327 22.02 0.13 -13.07
C HIS A 327 22.48 1.20 -14.07
N PHE A 328 21.63 2.19 -14.27
CA PHE A 328 21.95 3.30 -15.17
C PHE A 328 22.84 4.31 -14.43
N TYR A 329 23.61 5.11 -15.17
CA TYR A 329 24.50 6.11 -14.59
C TYR A 329 24.74 7.28 -15.55
N GLY A 330 25.52 8.25 -15.06
CA GLY A 330 25.87 9.44 -15.81
C GLY A 330 24.88 10.53 -15.45
N ALA A 331 24.63 11.40 -16.43
CA ALA A 331 23.69 12.51 -16.29
C ALA A 331 22.50 12.29 -17.20
N VAL A 332 21.41 13.02 -16.90
CA VAL A 332 20.21 13.09 -17.79
C VAL A 332 20.72 13.87 -19.02
N PRO A 333 20.79 13.23 -20.22
CA PRO A 333 21.35 13.96 -21.35
C PRO A 333 20.50 15.17 -21.80
N PRO A 334 21.12 16.12 -22.54
CA PRO A 334 20.41 17.36 -22.84
C PRO A 334 19.27 17.26 -23.90
N PHE A 335 19.10 16.13 -24.60
CA PHE A 335 18.01 15.98 -25.58
C PHE A 335 16.59 16.08 -25.00
N PHE A 336 16.43 15.77 -23.70
CA PHE A 336 15.14 15.86 -23.04
C PHE A 336 14.53 17.28 -23.04
N GLY A 337 15.30 18.33 -23.34
CA GLY A 337 14.69 19.66 -23.52
C GLY A 337 13.59 19.69 -24.59
N SER A 338 13.80 18.91 -25.67
CA SER A 338 12.88 18.83 -26.82
C SER A 338 11.63 18.01 -26.45
N CYS A 339 11.77 17.07 -25.49
CA CYS A 339 10.63 16.29 -24.93
C CYS A 339 9.75 17.22 -24.14
N SER A 340 8.95 17.96 -24.88
CA SER A 340 8.17 19.03 -24.27
C SER A 340 6.77 18.55 -23.87
N LEU A 341 6.35 17.40 -24.43
CA LEU A 341 5.12 16.71 -23.99
C LEU A 341 5.25 15.80 -22.75
N LEU A 342 6.50 15.56 -22.30
CA LEU A 342 6.82 14.64 -21.19
C LEU A 342 6.27 15.11 -19.87
N GLU A 343 5.27 14.40 -19.32
CA GLU A 343 4.69 14.71 -18.03
C GLU A 343 5.43 14.11 -16.85
N SER A 344 5.88 12.85 -16.94
CA SER A 344 6.53 12.14 -15.76
C SER A 344 7.85 11.58 -16.18
N LEU A 345 8.84 11.84 -15.33
CA LEU A 345 10.18 11.36 -15.56
C LEU A 345 10.60 10.62 -14.28
N ALA A 346 10.72 9.32 -14.40
CA ALA A 346 11.11 8.49 -13.27
C ALA A 346 12.42 7.82 -13.59
N LEU A 347 13.47 8.25 -12.92
CA LEU A 347 14.82 7.71 -13.07
C LEU A 347 15.28 7.20 -11.66
N SER A 348 14.37 6.61 -10.93
CA SER A 348 14.59 6.24 -9.54
C SER A 348 15.40 4.97 -9.41
N SER A 349 16.15 4.84 -8.32
CA SER A 349 16.94 3.60 -8.02
C SER A 349 17.91 3.19 -9.12
N ASN A 350 18.80 4.12 -9.44
CA ASN A 350 19.88 3.92 -10.40
C ASN A 350 21.09 4.58 -9.80
N ASN A 351 22.17 4.71 -10.57
CA ASN A 351 23.37 5.40 -10.13
C ASN A 351 23.68 6.68 -10.93
N PHE A 352 22.64 7.50 -11.13
CA PHE A 352 22.80 8.80 -11.80
C PHE A 352 23.55 9.77 -10.89
N SER A 353 24.45 10.57 -11.48
CA SER A 353 25.27 11.52 -10.72
C SER A 353 25.44 12.84 -11.43
N GLY A 354 25.97 13.78 -10.65
CA GLY A 354 26.15 15.14 -11.08
C GLY A 354 25.11 16.06 -10.45
N GLU A 355 25.25 17.34 -10.77
CA GLU A 355 24.35 18.39 -10.30
C GLU A 355 23.02 18.28 -11.03
N LEU A 356 22.02 18.95 -10.44
CA LEU A 356 20.64 18.85 -10.91
C LEU A 356 20.53 19.59 -12.27
N PRO A 357 20.25 18.87 -13.38
CA PRO A 357 20.39 19.48 -14.74
C PRO A 357 19.23 20.41 -15.06
N MET A 358 19.29 21.63 -14.53
CA MET A 358 18.18 22.58 -14.63
C MET A 358 17.97 23.18 -16.03
N ASP A 359 19.05 23.27 -16.82
CA ASP A 359 18.94 23.76 -18.19
C ASP A 359 18.02 22.85 -19.03
N THR A 360 18.11 21.55 -18.82
CA THR A 360 17.23 20.59 -19.49
C THR A 360 15.80 20.64 -18.91
N LEU A 361 15.67 20.63 -17.60
CA LEU A 361 14.37 20.48 -16.92
C LEU A 361 13.43 21.66 -17.11
N LEU A 362 13.99 22.89 -17.18
CA LEU A 362 13.18 24.09 -17.33
C LEU A 362 12.49 24.17 -18.71
N LYS A 363 13.17 23.62 -19.73
CA LYS A 363 12.57 23.47 -21.08
C LYS A 363 11.44 22.44 -21.20
N MET A 364 11.38 21.47 -20.29
CA MET A 364 10.27 20.48 -20.29
C MET A 364 9.03 21.17 -19.73
N ARG A 365 8.30 21.84 -20.64
CA ARG A 365 7.06 22.58 -20.35
C ARG A 365 6.04 21.65 -19.67
N GLY A 366 5.97 20.39 -20.13
CA GLY A 366 4.92 19.45 -19.76
C GLY A 366 5.08 18.78 -18.41
N LEU A 367 6.23 18.95 -17.78
CA LEU A 367 6.65 18.13 -16.63
C LEU A 367 5.81 18.38 -15.36
N LYS A 368 5.17 17.32 -14.89
CA LYS A 368 4.36 17.29 -13.70
C LYS A 368 4.91 16.42 -12.53
N VAL A 369 5.72 15.41 -12.85
CA VAL A 369 6.32 14.54 -11.83
C VAL A 369 7.78 14.33 -12.14
N LEU A 370 8.63 14.69 -11.18
CA LEU A 370 10.08 14.52 -11.32
C LEU A 370 10.53 13.60 -10.19
N ASP A 371 10.96 12.37 -10.55
CA ASP A 371 11.38 11.35 -9.57
C ASP A 371 12.76 10.91 -9.82
N LEU A 372 13.69 11.50 -9.07
CA LEU A 372 15.11 11.20 -9.19
C LEU A 372 15.60 10.56 -7.92
N SER A 373 14.75 9.83 -7.23
CA SER A 373 15.07 9.28 -5.86
C SER A 373 15.98 8.10 -5.95
N PHE A 374 16.77 7.93 -4.91
CA PHE A 374 17.69 6.77 -4.78
C PHE A 374 18.73 6.75 -5.85
N ASN A 375 19.40 7.88 -5.96
CA ASN A 375 20.50 8.07 -6.90
C ASN A 375 21.67 8.74 -6.16
N GLU A 376 22.68 9.21 -6.89
CA GLU A 376 23.78 9.96 -6.29
C GLU A 376 23.97 11.34 -6.94
N PHE A 377 22.87 12.07 -7.12
CA PHE A 377 22.89 13.49 -7.50
C PHE A 377 23.46 14.31 -6.35
N SER A 378 24.34 15.25 -6.69
CA SER A 378 25.19 15.94 -5.72
C SER A 378 25.16 17.44 -5.87
N GLY A 379 25.87 18.13 -4.97
CA GLY A 379 25.99 19.58 -4.97
C GLY A 379 24.79 20.24 -4.29
N GLU A 380 24.81 21.57 -4.22
CA GLU A 380 23.68 22.34 -3.74
C GLU A 380 22.54 22.46 -4.77
N LEU A 381 21.36 22.85 -4.32
CA LEU A 381 20.19 23.03 -5.20
C LEU A 381 20.35 24.31 -5.97
N PRO A 382 20.23 24.27 -7.33
CA PRO A 382 20.36 25.53 -8.07
C PRO A 382 19.14 26.44 -7.87
N GLU A 383 19.37 27.77 -7.91
CA GLU A 383 18.31 28.80 -7.73
C GLU A 383 17.10 28.63 -8.67
N SER A 384 17.34 28.11 -9.88
CA SER A 384 16.32 27.98 -10.91
C SER A 384 15.27 26.88 -10.65
N LEU A 385 15.45 26.11 -9.59
CA LEU A 385 14.45 25.15 -9.15
C LEU A 385 13.12 25.81 -8.73
N THR A 386 13.21 27.07 -8.29
CA THR A 386 12.05 27.93 -7.97
C THR A 386 11.00 27.94 -9.08
N ASN A 387 11.46 27.94 -10.33
CA ASN A 387 10.57 28.07 -11.47
C ASN A 387 9.68 26.87 -11.68
N LEU A 388 10.21 25.68 -11.40
CA LEU A 388 9.44 24.40 -11.53
C LEU A 388 8.40 24.15 -10.40
N SER A 389 8.47 24.89 -9.31
CA SER A 389 7.38 24.92 -8.31
C SER A 389 5.97 25.23 -8.88
N ALA A 390 5.87 26.19 -9.82
CA ALA A 390 4.59 26.52 -10.51
C ALA A 390 4.07 25.49 -11.56
N SER A 391 4.93 24.61 -12.08
CA SER A 391 4.54 23.55 -13.02
C SER A 391 4.46 22.13 -12.37
N LEU A 392 5.45 21.71 -11.57
CA LEU A 392 5.45 20.29 -10.96
C LEU A 392 4.37 20.04 -9.91
N LEU A 393 3.74 18.90 -9.98
CA LEU A 393 2.95 18.35 -8.87
C LEU A 393 3.83 17.53 -7.84
N THR A 394 4.87 16.83 -8.31
CA THR A 394 5.74 16.01 -7.46
C THR A 394 7.21 16.23 -7.75
N LEU A 395 7.97 16.59 -6.73
CA LEU A 395 9.42 16.67 -6.83
C LEU A 395 10.00 15.69 -5.79
N ASP A 396 10.63 14.63 -6.29
CA ASP A 396 11.24 13.64 -5.44
C ASP A 396 12.70 13.56 -5.68
N LEU A 397 13.45 14.14 -4.75
CA LEU A 397 14.88 14.06 -4.77
C LEU A 397 15.43 13.37 -3.53
N SER A 398 14.70 12.35 -3.04
CA SER A 398 15.06 11.64 -1.80
C SER A 398 16.17 10.65 -2.03
N SER A 399 16.98 10.43 -0.99
CA SER A 399 18.10 9.50 -1.04
C SER A 399 19.05 9.84 -2.18
N ASN A 400 19.70 11.00 -2.04
CA ASN A 400 20.74 11.48 -2.94
C ASN A 400 21.82 12.07 -2.08
N ASN A 401 22.93 12.56 -2.65
N ASN A 401 22.89 12.57 -2.69
CA ASN A 401 24.00 13.25 -1.87
CA ASN A 401 24.00 13.22 -1.97
C ASN A 401 23.93 14.76 -2.09
C ASN A 401 23.93 14.74 -2.09
N PHE A 402 22.75 15.35 -2.00
CA PHE A 402 22.59 16.80 -2.07
C PHE A 402 23.07 17.46 -0.79
N SER A 403 23.73 18.61 -0.93
CA SER A 403 24.32 19.35 0.22
C SER A 403 23.76 20.75 0.30
N GLY A 404 24.24 21.54 1.27
CA GLY A 404 23.83 22.94 1.41
C GLY A 404 22.39 23.15 1.92
N PRO A 405 21.84 24.39 1.82
CA PRO A 405 20.50 24.65 2.35
C PRO A 405 19.41 24.29 1.42
N ILE A 406 18.21 24.23 2.01
CA ILE A 406 16.96 24.14 1.22
C ILE A 406 16.74 25.54 0.71
N LEU A 407 16.36 25.67 -0.57
CA LEU A 407 16.21 27.00 -1.21
C LEU A 407 15.07 27.77 -0.60
N PRO A 408 15.38 28.96 -0.05
CA PRO A 408 14.31 29.71 0.62
C PRO A 408 13.36 30.38 -0.34
N ASN A 409 13.82 30.58 -1.56
CA ASN A 409 13.06 31.20 -2.63
C ASN A 409 12.17 30.19 -3.35
N LEU A 410 12.06 28.93 -2.92
CA LEU A 410 11.10 28.00 -3.56
C LEU A 410 9.69 28.43 -3.27
N CYS A 411 8.83 28.16 -4.26
CA CYS A 411 7.46 28.61 -4.23
C CYS A 411 7.33 30.16 -4.06
N GLN A 412 8.29 30.89 -4.65
CA GLN A 412 8.30 32.37 -4.70
C GLN A 412 7.31 32.82 -5.74
N ASN A 413 7.24 32.10 -6.87
CA ASN A 413 6.24 32.32 -7.93
C ASN A 413 4.80 32.16 -7.44
N PRO A 414 3.83 32.93 -7.99
CA PRO A 414 2.42 32.72 -7.65
C PRO A 414 1.87 31.48 -8.41
N LYS A 415 0.76 30.96 -7.86
CA LYS A 415 0.11 29.78 -8.39
C LYS A 415 1.10 28.60 -8.41
N ASN A 416 1.63 28.27 -7.21
CA ASN A 416 2.50 27.08 -6.96
C ASN A 416 1.65 25.86 -6.89
N THR A 417 1.76 25.02 -7.92
CA THR A 417 0.99 23.77 -8.06
C THR A 417 1.57 22.52 -7.29
N LEU A 418 2.65 22.71 -6.55
CA LEU A 418 3.43 21.62 -5.95
C LEU A 418 2.67 20.92 -4.82
N GLN A 419 2.44 19.64 -4.98
CA GLN A 419 1.72 18.79 -4.02
C GLN A 419 2.66 17.95 -3.16
N GLU A 420 3.71 17.37 -3.74
CA GLU A 420 4.62 16.47 -2.97
C GLU A 420 6.07 16.91 -3.06
N LEU A 421 6.71 17.15 -1.91
CA LEU A 421 8.10 17.56 -1.88
C LEU A 421 8.88 16.58 -1.01
N TYR A 422 9.65 15.70 -1.66
CA TYR A 422 10.40 14.66 -1.01
C TYR A 422 11.87 14.94 -1.12
N LEU A 423 12.46 15.34 0.00
CA LEU A 423 13.86 15.71 0.07
C LEU A 423 14.62 14.94 1.13
N GLN A 424 14.07 13.80 1.56
CA GLN A 424 14.62 13.08 2.72
C GLN A 424 15.87 12.27 2.35
N ASN A 425 16.76 12.09 3.33
CA ASN A 425 17.98 11.30 3.16
C ASN A 425 18.93 11.98 2.16
N ASN A 426 19.33 13.19 2.53
CA ASN A 426 20.34 13.99 1.84
C ASN A 426 21.29 14.59 2.84
N GLY A 427 22.19 15.47 2.38
CA GLY A 427 23.10 16.17 3.31
C GLY A 427 22.74 17.61 3.54
N PHE A 428 21.43 17.89 3.61
CA PHE A 428 20.94 19.27 3.72
C PHE A 428 21.19 19.88 5.08
N THR A 429 21.59 21.14 5.10
CA THR A 429 21.88 21.90 6.29
C THR A 429 21.03 23.17 6.41
N GLY A 430 21.22 23.85 7.52
CA GLY A 430 20.54 25.09 7.79
C GLY A 430 19.11 24.94 8.22
N LYS A 431 18.30 26.00 8.04
CA LYS A 431 16.94 26.05 8.50
C LYS A 431 15.98 25.42 7.52
N ILE A 432 14.83 25.02 8.06
CA ILE A 432 13.63 24.78 7.25
C ILE A 432 13.11 26.16 6.88
N PRO A 433 13.07 26.48 5.57
CA PRO A 433 12.59 27.82 5.14
C PRO A 433 11.12 28.06 5.49
N PRO A 434 10.76 29.15 6.22
CA PRO A 434 9.33 29.46 6.48
C PRO A 434 8.51 29.67 5.21
N THR A 435 9.19 30.18 4.18
CA THR A 435 8.62 30.44 2.89
C THR A 435 8.12 29.22 2.10
N LEU A 436 8.36 28.01 2.62
CA LEU A 436 7.69 26.80 2.15
C LEU A 436 6.17 26.86 2.28
N SER A 437 5.68 27.71 3.19
CA SER A 437 4.24 27.98 3.33
C SER A 437 3.54 28.53 2.07
N ASN A 438 4.32 29.12 1.20
CA ASN A 438 3.80 29.53 -0.11
C ASN A 438 3.40 28.41 -1.05
N CYS A 439 3.95 27.21 -0.89
CA CYS A 439 3.41 26.05 -1.65
C CYS A 439 2.07 25.67 -1.02
N SER A 440 1.03 26.41 -1.34
CA SER A 440 -0.27 26.25 -0.71
C SER A 440 -0.97 24.94 -1.06
N GLU A 441 -0.55 24.25 -2.13
CA GLU A 441 -1.19 23.02 -2.57
C GLU A 441 -0.56 21.75 -2.03
N LEU A 442 0.42 21.95 -1.16
CA LEU A 442 1.32 20.92 -0.70
C LEU A 442 0.60 19.95 0.24
N VAL A 443 0.56 18.68 -0.17
CA VAL A 443 -0.07 17.57 0.63
C VAL A 443 0.93 16.74 1.46
N SER A 444 2.18 16.66 1.01
CA SER A 444 3.22 15.92 1.72
C SER A 444 4.56 16.62 1.74
N LEU A 445 5.12 16.79 2.93
CA LEU A 445 6.41 17.42 3.07
C LEU A 445 7.29 16.46 3.84
N HIS A 446 8.30 15.89 3.16
CA HIS A 446 9.23 14.93 3.78
CA HIS A 446 9.23 14.92 3.78
C HIS A 446 10.63 15.55 3.74
N LEU A 447 11.15 15.96 4.90
CA LEU A 447 12.50 16.56 5.00
C LEU A 447 13.37 15.82 6.00
N SER A 448 13.13 14.53 6.19
CA SER A 448 13.77 13.74 7.17
C SER A 448 15.19 13.35 6.77
N PHE A 449 15.93 12.78 7.69
CA PHE A 449 17.30 12.34 7.42
C PHE A 449 18.14 13.41 6.68
N ASN A 450 18.22 14.55 7.33
CA ASN A 450 19.06 15.67 6.88
C ASN A 450 19.76 16.21 8.11
N TYR A 451 20.60 17.21 7.95
CA TYR A 451 21.27 17.86 9.05
C TYR A 451 20.67 19.24 9.35
N LEU A 452 19.35 19.33 9.44
CA LEU A 452 18.62 20.63 9.55
C LEU A 452 18.60 21.14 10.96
N SER A 453 18.99 22.38 11.16
CA SER A 453 18.88 23.02 12.48
C SER A 453 17.66 23.95 12.52
N GLY A 454 17.51 24.61 13.65
CA GLY A 454 16.52 25.64 13.81
C GLY A 454 15.18 25.09 14.17
N THR A 455 14.15 25.95 14.13
CA THR A 455 12.80 25.60 14.47
C THR A 455 12.03 25.20 13.26
N ILE A 456 10.93 24.51 13.59
CA ILE A 456 9.90 24.12 12.60
C ILE A 456 9.09 25.38 12.45
N PRO A 457 9.08 25.99 11.25
CA PRO A 457 8.48 27.34 11.14
C PRO A 457 6.98 27.27 11.42
N SER A 458 6.48 28.24 12.20
CA SER A 458 5.05 28.42 12.49
C SER A 458 4.19 28.52 11.22
N SER A 459 4.74 29.07 10.13
CA SER A 459 4.05 29.29 8.88
C SER A 459 3.62 27.98 8.19
N LEU A 460 4.17 26.84 8.60
CA LEU A 460 3.70 25.58 8.04
C LEU A 460 2.24 25.27 8.41
N GLY A 461 1.75 25.90 9.47
CA GLY A 461 0.29 25.98 9.73
C GLY A 461 -0.61 26.45 8.58
N SER A 462 -0.07 27.35 7.75
CA SER A 462 -0.75 27.78 6.54
C SER A 462 -1.02 26.71 5.49
N LEU A 463 -0.27 25.60 5.52
CA LEU A 463 -0.41 24.53 4.49
C LEU A 463 -1.72 23.79 4.77
N SER A 464 -2.80 24.33 4.25
CA SER A 464 -4.17 23.92 4.58
C SER A 464 -4.59 22.60 3.97
N LYS A 465 -3.80 22.13 2.99
CA LYS A 465 -4.00 20.79 2.43
C LYS A 465 -3.00 19.68 2.86
N LEU A 466 -2.13 19.98 3.84
CA LEU A 466 -1.01 19.12 4.23
C LEU A 466 -1.49 17.95 5.05
N ARG A 467 -1.19 16.75 4.56
CA ARG A 467 -1.48 15.47 5.26
C ARG A 467 -0.27 14.90 6.00
N ASP A 468 0.94 15.01 5.44
CA ASP A 468 2.14 14.31 6.00
C ASP A 468 3.25 15.30 6.22
N LEU A 469 3.63 15.47 7.47
CA LEU A 469 4.75 16.29 7.84
C LEU A 469 5.80 15.39 8.49
N LYS A 470 6.88 15.06 7.78
CA LYS A 470 7.87 14.13 8.21
C LYS A 470 9.23 14.80 8.22
N LEU A 471 9.75 15.07 9.42
CA LEU A 471 10.95 15.85 9.61
C LEU A 471 11.97 15.12 10.51
N TRP A 472 11.90 13.79 10.58
CA TRP A 472 12.62 13.06 11.62
C TRP A 472 14.10 12.85 11.30
N LEU A 473 14.90 12.62 12.34
CA LEU A 473 16.37 12.64 12.28
C LEU A 473 16.91 13.90 11.57
N ASN A 474 16.77 15.00 12.28
CA ASN A 474 17.37 16.28 11.96
C ASN A 474 17.90 16.82 13.27
N MET A 475 18.29 18.08 13.36
CA MET A 475 18.70 18.71 14.65
C MET A 475 17.75 19.83 15.02
N LEU A 476 16.45 19.65 14.82
CA LEU A 476 15.45 20.71 15.01
C LEU A 476 15.26 21.05 16.48
N GLU A 477 15.49 22.31 16.83
CA GLU A 477 15.29 22.79 18.19
C GLU A 477 13.93 23.51 18.29
N GLY A 478 13.68 24.04 19.47
CA GLY A 478 12.47 24.76 19.77
C GLY A 478 11.30 23.89 20.11
N GLU A 479 10.16 24.53 20.37
CA GLU A 479 8.87 23.92 20.43
C GLU A 479 8.26 23.48 19.10
N ILE A 480 7.39 22.47 19.23
CA ILE A 480 6.49 22.07 18.18
C ILE A 480 5.46 23.20 18.04
N PRO A 481 5.33 23.77 16.84
CA PRO A 481 4.43 24.93 16.62
C PRO A 481 2.98 24.76 17.02
N GLN A 482 2.48 25.60 17.94
CA GLN A 482 1.04 25.73 18.25
C GLN A 482 0.19 25.98 16.99
N GLU A 483 0.77 26.76 16.04
CA GLU A 483 0.09 27.14 14.80
CA GLU A 483 0.11 27.13 14.78
C GLU A 483 -0.18 25.94 13.83
N LEU A 484 0.29 24.72 14.16
CA LEU A 484 -0.09 23.50 13.37
C LEU A 484 -1.55 23.13 13.50
N MET A 485 -2.25 23.72 14.48
CA MET A 485 -3.71 23.62 14.64
C MET A 485 -4.50 24.08 13.41
N TYR A 486 -3.94 25.00 12.66
CA TYR A 486 -4.64 25.48 11.47
C TYR A 486 -4.62 24.47 10.29
N VAL A 487 -3.76 23.46 10.37
CA VAL A 487 -3.70 22.34 9.38
C VAL A 487 -4.77 21.32 9.75
N LYS A 488 -5.94 21.44 9.12
CA LYS A 488 -7.07 20.53 9.42
C LYS A 488 -6.92 19.13 8.84
N THR A 489 -6.11 19.00 7.78
CA THR A 489 -5.99 17.76 7.03
C THR A 489 -4.84 16.86 7.50
N LEU A 490 -4.12 17.28 8.57
CA LEU A 490 -2.91 16.62 9.02
C LEU A 490 -3.18 15.18 9.49
N GLU A 491 -2.54 14.22 8.82
CA GLU A 491 -2.71 12.76 9.08
C GLU A 491 -1.49 12.17 9.81
N THR A 492 -0.28 12.58 9.44
CA THR A 492 0.92 12.10 10.07
C THR A 492 1.88 13.21 10.47
N LEU A 493 2.44 13.12 11.67
CA LEU A 493 3.39 14.08 12.18
C LEU A 493 4.54 13.29 12.73
N ILE A 494 5.61 13.21 11.94
CA ILE A 494 6.75 12.40 12.29
C ILE A 494 7.97 13.28 12.60
N LEU A 495 8.22 13.53 13.90
CA LEU A 495 9.28 14.44 14.35
C LEU A 495 10.32 13.74 15.26
N ASP A 496 10.53 12.43 15.08
CA ASP A 496 11.45 11.68 15.90
C ASP A 496 12.91 12.19 15.72
N PHE A 497 13.73 11.91 16.70
CA PHE A 497 15.18 12.14 16.63
C PHE A 497 15.56 13.57 16.25
N ASN A 498 15.06 14.51 17.03
CA ASN A 498 15.42 15.88 16.94
C ASN A 498 15.80 16.41 18.33
N ASP A 499 16.14 17.67 18.43
CA ASP A 499 16.46 18.31 19.70
C ASP A 499 15.29 19.16 20.21
N LEU A 500 14.05 18.67 19.99
CA LEU A 500 12.83 19.38 20.36
C LEU A 500 12.59 19.48 21.82
N THR A 501 11.92 20.57 22.22
CA THR A 501 11.68 20.92 23.65
C THR A 501 10.24 21.39 23.78
N GLY A 502 9.87 21.65 25.01
CA GLY A 502 8.52 22.05 25.39
C GLY A 502 7.52 20.93 25.48
N GLU A 503 6.30 21.32 25.85
CA GLU A 503 5.16 20.42 25.94
C GLU A 503 4.54 20.20 24.59
N ILE A 504 3.69 19.15 24.54
CA ILE A 504 2.91 18.88 23.34
C ILE A 504 1.92 20.04 23.27
N PRO A 505 1.92 20.78 22.12
CA PRO A 505 1.00 21.92 22.04
C PRO A 505 -0.47 21.46 22.01
N SER A 506 -1.30 22.21 22.74
CA SER A 506 -2.71 21.88 22.89
C SER A 506 -3.44 22.01 21.55
N GLY A 507 -2.86 22.79 20.64
CA GLY A 507 -3.41 22.98 19.31
C GLY A 507 -3.60 21.75 18.48
N LEU A 508 -2.81 20.73 18.74
CA LEU A 508 -2.89 19.48 17.96
C LEU A 508 -4.21 18.74 18.17
N SER A 509 -4.97 19.12 19.22
CA SER A 509 -6.34 18.65 19.43
C SER A 509 -7.23 18.96 18.23
N ASN A 510 -6.99 20.10 17.59
CA ASN A 510 -7.76 20.51 16.43
C ASN A 510 -7.55 19.61 15.21
N CYS A 511 -6.36 19.01 15.10
CA CYS A 511 -6.05 18.14 13.97
C CYS A 511 -6.70 16.78 14.16
N THR A 512 -7.99 16.68 13.87
CA THR A 512 -8.78 15.47 14.18
C THR A 512 -8.50 14.24 13.31
N ASN A 513 -7.88 14.41 12.15
CA ASN A 513 -7.60 13.31 11.23
C ASN A 513 -6.23 12.66 11.48
N LEU A 514 -5.51 13.08 12.52
CA LEU A 514 -4.20 12.51 12.84
C LEU A 514 -4.29 10.99 13.08
N ASN A 515 -3.53 10.20 12.30
CA ASN A 515 -3.44 8.73 12.50
C ASN A 515 -2.05 8.21 12.93
N TRP A 516 -1.03 9.01 12.89
CA TRP A 516 0.30 8.62 13.23
C TRP A 516 1.07 9.85 13.80
N ILE A 517 1.21 9.84 15.12
CA ILE A 517 1.98 10.82 15.85
C ILE A 517 3.23 10.15 16.37
N SER A 518 4.38 10.64 16.00
CA SER A 518 5.65 10.07 16.45
C SER A 518 6.65 11.19 16.82
N LEU A 519 6.84 11.37 18.14
CA LEU A 519 7.71 12.40 18.67
C LEU A 519 8.90 11.82 19.51
N SER A 520 9.36 10.62 19.20
CA SER A 520 10.39 9.97 19.99
C SER A 520 11.79 10.59 19.88
N ASN A 521 12.62 10.33 20.89
CA ASN A 521 14.00 10.84 20.95
C ASN A 521 14.15 12.37 20.74
N ASN A 522 13.40 13.08 21.57
CA ASN A 522 13.49 14.51 21.68
C ASN A 522 13.71 14.81 23.14
N ARG A 523 13.73 16.08 23.53
CA ARG A 523 13.68 16.50 24.93
C ARG A 523 12.34 17.16 25.37
N LEU A 524 11.23 16.60 24.91
CA LEU A 524 9.89 17.09 25.21
C LEU A 524 9.50 16.82 26.67
N THR A 525 8.59 17.66 27.17
CA THR A 525 8.16 17.61 28.60
C THR A 525 6.63 17.62 28.68
N GLY A 526 6.14 17.61 29.91
CA GLY A 526 4.72 17.69 30.17
C GLY A 526 4.01 16.35 30.17
N GLU A 527 2.69 16.40 30.23
CA GLU A 527 1.79 15.28 30.25
C GLU A 527 1.31 14.94 28.87
N ILE A 528 0.88 13.70 28.68
CA ILE A 528 0.11 13.31 27.51
C ILE A 528 -1.24 14.01 27.74
N PRO A 529 -1.63 14.95 26.85
CA PRO A 529 -2.85 15.69 27.17
C PRO A 529 -4.11 14.82 27.09
N LYS A 530 -5.12 15.18 27.88
CA LYS A 530 -6.30 14.35 28.06
C LYS A 530 -7.12 14.32 26.76
N TRP A 531 -7.02 15.40 25.97
CA TRP A 531 -7.70 15.52 24.68
C TRP A 531 -7.24 14.51 23.65
N ILE A 532 -6.21 13.72 23.95
CA ILE A 532 -5.73 12.67 23.04
C ILE A 532 -6.83 11.69 22.65
N GLY A 533 -7.80 11.51 23.55
CA GLY A 533 -8.97 10.65 23.34
C GLY A 533 -9.91 11.14 22.28
N ARG A 534 -9.90 12.46 22.03
CA ARG A 534 -10.70 13.08 20.98
C ARG A 534 -10.18 12.70 19.60
N LEU A 535 -8.93 12.21 19.50
CA LEU A 535 -8.32 11.81 18.21
C LEU A 535 -8.80 10.44 17.84
N GLU A 536 -9.91 10.37 17.10
CA GLU A 536 -10.60 9.11 16.83
C GLU A 536 -9.95 8.27 15.73
N ASN A 537 -9.21 8.93 14.85
CA ASN A 537 -8.49 8.20 13.81
C ASN A 537 -7.04 7.72 14.19
N LEU A 538 -6.58 8.04 15.40
CA LEU A 538 -5.20 7.85 15.84
C LEU A 538 -4.89 6.36 16.05
N ALA A 539 -3.92 5.87 15.29
CA ALA A 539 -3.55 4.48 15.23
C ALA A 539 -2.19 4.23 15.91
N ILE A 540 -1.18 5.03 15.58
CA ILE A 540 0.14 4.85 16.11
C ILE A 540 0.54 6.10 16.92
N LEU A 541 0.87 5.91 18.21
CA LEU A 541 1.39 6.99 19.06
C LEU A 541 2.71 6.54 19.66
N LYS A 542 3.78 7.24 19.30
CA LYS A 542 5.13 6.89 19.78
C LYS A 542 5.74 8.12 20.43
N LEU A 543 5.89 8.10 21.76
CA LEU A 543 6.47 9.24 22.49
C LEU A 543 7.76 8.91 23.25
N SER A 544 8.55 7.93 22.79
CA SER A 544 9.60 7.33 23.59
C SER A 544 10.87 8.24 23.72
N ASN A 545 11.60 8.07 24.81
CA ASN A 545 12.84 8.74 25.10
C ASN A 545 12.65 10.22 25.07
N ASN A 546 11.89 10.72 26.04
CA ASN A 546 11.58 12.13 26.24
C ASN A 546 11.53 12.27 27.73
N SER A 547 11.15 13.44 28.24
CA SER A 547 10.88 13.64 29.69
C SER A 547 9.38 13.91 29.95
N PHE A 548 8.51 13.14 29.28
CA PHE A 548 7.06 13.23 29.54
C PHE A 548 6.72 12.67 30.96
N SER A 549 5.73 13.28 31.58
CA SER A 549 5.45 13.04 33.00
C SER A 549 3.93 12.88 33.23
N GLY A 550 3.63 12.63 34.51
CA GLY A 550 2.28 12.50 35.01
C GLY A 550 1.68 11.12 34.68
N ASN A 551 0.38 10.99 34.95
CA ASN A 551 -0.35 9.79 34.71
C ASN A 551 -0.64 9.50 33.29
N ILE A 552 -0.76 8.21 32.97
CA ILE A 552 -1.19 7.75 31.68
C ILE A 552 -2.69 8.08 31.66
N PRO A 553 -3.14 8.90 30.68
CA PRO A 553 -4.56 9.25 30.69
C PRO A 553 -5.47 8.10 30.35
N ALA A 554 -6.57 7.95 31.08
CA ALA A 554 -7.64 6.97 30.80
C ALA A 554 -8.32 7.26 29.49
N GLU A 555 -8.15 8.51 29.05
CA GLU A 555 -8.70 9.00 27.81
C GLU A 555 -8.06 8.36 26.57
N LEU A 556 -6.90 7.71 26.70
CA LEU A 556 -6.32 6.92 25.57
C LEU A 556 -7.26 5.79 25.14
N GLY A 557 -8.09 5.30 26.05
CA GLY A 557 -9.09 4.29 25.73
C GLY A 557 -10.23 4.77 24.89
N ASP A 558 -10.40 6.09 24.77
CA ASP A 558 -11.41 6.66 23.88
C ASP A 558 -10.95 6.62 22.43
N CYS A 559 -9.63 6.45 22.17
CA CYS A 559 -9.11 6.37 20.79
C CYS A 559 -9.53 5.06 20.17
N ARG A 560 -10.48 5.07 19.24
CA ARG A 560 -11.11 3.83 18.74
C ARG A 560 -10.34 3.12 17.59
N SER A 561 -9.17 3.69 17.23
CA SER A 561 -8.26 3.07 16.26
C SER A 561 -6.85 2.71 16.78
N LEU A 562 -6.56 3.00 18.06
CA LEU A 562 -5.20 2.91 18.61
C LEU A 562 -4.72 1.45 18.71
N ILE A 563 -3.74 1.10 17.85
CA ILE A 563 -3.13 -0.22 17.82
C ILE A 563 -1.66 -0.29 18.28
N TRP A 564 -0.99 0.84 18.44
CA TRP A 564 0.44 0.85 18.67
C TRP A 564 0.76 2.02 19.58
N LEU A 565 0.98 1.73 20.85
CA LEU A 565 1.27 2.71 21.87
C LEU A 565 2.64 2.45 22.45
N ASP A 566 3.60 3.32 22.15
CA ASP A 566 4.96 3.20 22.67
C ASP A 566 5.29 4.43 23.51
N LEU A 567 5.44 4.25 24.82
CA LEU A 567 5.70 5.33 25.76
C LEU A 567 7.02 5.17 26.52
N ASN A 568 7.92 4.29 26.06
CA ASN A 568 9.07 3.86 26.84
C ASN A 568 10.10 4.96 27.09
N THR A 569 10.73 4.90 28.26
CA THR A 569 11.81 5.79 28.65
C THR A 569 11.33 7.24 28.80
N ASN A 570 10.52 7.46 29.81
CA ASN A 570 9.91 8.70 30.15
C ASN A 570 9.81 8.72 31.67
N LEU A 571 9.15 9.73 32.23
CA LEU A 571 8.94 9.83 33.67
C LEU A 571 7.43 9.74 34.03
N PHE A 572 6.68 8.88 33.34
CA PHE A 572 5.26 8.66 33.67
C PHE A 572 5.12 7.92 35.03
N ASN A 573 4.05 8.24 35.76
CA ASN A 573 3.78 7.63 37.05
C ASN A 573 2.30 7.33 37.26
N GLY A 574 1.98 6.90 38.50
CA GLY A 574 0.61 6.52 38.89
C GLY A 574 0.30 5.12 38.42
N THR A 575 -0.98 4.72 38.52
CA THR A 575 -1.40 3.39 38.12
C THR A 575 -1.81 3.38 36.65
N ILE A 576 -1.58 2.23 35.98
CA ILE A 576 -2.07 1.94 34.64
C ILE A 576 -3.60 1.88 34.70
N PRO A 577 -4.29 2.77 33.99
CA PRO A 577 -5.75 2.76 34.08
C PRO A 577 -6.38 1.57 33.37
N ALA A 578 -7.41 0.98 33.96
CA ALA A 578 -8.22 -0.07 33.37
C ALA A 578 -8.95 0.38 32.10
N ALA A 579 -9.25 1.67 32.02
CA ALA A 579 -10.14 2.17 31.03
C ALA A 579 -9.48 2.32 29.69
N MET A 580 -8.14 2.29 29.65
CA MET A 580 -7.39 2.41 28.37
C MET A 580 -7.54 1.23 27.41
N PHE A 581 -8.06 0.09 27.90
CA PHE A 581 -8.27 -1.08 27.07
C PHE A 581 -9.73 -1.29 26.73
N LYS A 582 -10.54 -0.25 26.80
CA LYS A 582 -11.99 -0.38 26.58
C LYS A 582 -12.35 -0.65 25.11
N GLN A 583 -11.45 -0.25 24.20
CA GLN A 583 -11.64 -0.49 22.77
C GLN A 583 -11.35 -1.89 22.27
N SER A 584 -10.82 -2.71 23.17
CA SER A 584 -10.46 -4.08 22.87
C SER A 584 -11.64 -4.89 22.44
N GLY A 585 -11.57 -5.47 21.24
CA GLY A 585 -12.66 -6.24 20.67
C GLY A 585 -13.60 -5.41 19.79
N LYS A 586 -13.36 -4.08 19.68
CA LYS A 586 -14.22 -3.17 18.93
C LYS A 586 -13.54 -2.37 17.78
N ILE A 587 -12.24 -2.49 17.65
CA ILE A 587 -11.46 -1.66 16.71
C ILE A 587 -11.57 -2.19 15.28
N ALA A 588 -11.94 -1.33 14.35
CA ALA A 588 -11.73 -1.60 12.91
C ALA A 588 -10.58 -0.68 12.48
N ALA A 589 -9.45 -1.24 12.00
CA ALA A 589 -8.24 -0.40 11.75
C ALA A 589 -7.47 -0.75 10.48
N ASN A 590 -7.98 -0.22 9.36
CA ASN A 590 -7.55 -0.48 7.99
C ASN A 590 -7.52 0.82 7.14
N PHE A 591 -7.27 1.96 7.79
CA PHE A 591 -6.93 3.22 7.11
C PHE A 591 -5.41 3.38 6.92
N ILE A 592 -4.60 2.92 7.87
CA ILE A 592 -3.11 3.15 7.84
C ILE A 592 -2.25 2.30 6.84
N ALA A 593 -2.85 1.29 6.20
CA ALA A 593 -2.13 0.39 5.27
C ALA A 593 -1.75 1.10 3.96
N GLY A 594 -0.56 0.75 3.44
CA GLY A 594 0.02 1.38 2.23
C GLY A 594 1.30 2.19 2.49
N LYS A 595 1.44 2.74 3.72
CA LYS A 595 2.62 3.54 4.11
C LYS A 595 3.84 2.63 4.40
N ARG A 596 5.03 2.98 3.92
CA ARG A 596 6.25 2.19 4.20
C ARG A 596 6.76 2.44 5.64
N TYR A 597 7.33 1.42 6.25
CA TYR A 597 7.83 1.51 7.65
C TYR A 597 9.11 0.75 7.84
N VAL A 598 9.72 0.94 9.00
CA VAL A 598 10.85 0.10 9.44
C VAL A 598 10.71 -0.18 10.96
N TYR A 599 10.91 -1.44 11.36
CA TYR A 599 10.83 -1.86 12.77
C TYR A 599 12.20 -2.44 13.14
N ILE A 600 12.97 -1.67 13.91
CA ILE A 600 14.28 -2.04 14.36
C ILE A 600 14.09 -2.68 15.73
N LYS A 601 14.23 -4.01 15.80
CA LYS A 601 14.01 -4.73 17.04
C LYS A 601 15.23 -4.56 17.95
N ASN A 602 14.96 -4.43 19.27
CA ASN A 602 15.98 -4.44 20.29
C ASN A 602 16.36 -5.90 20.64
N ASP A 603 17.64 -6.14 20.96
CA ASP A 603 18.07 -7.45 21.58
C ASP A 603 18.62 -7.22 22.99
N GLY A 604 18.28 -8.06 23.95
CA GLY A 604 18.53 -7.74 25.38
C GLY A 604 19.99 -7.91 25.76
N MET A 605 20.82 -6.96 25.34
CA MET A 605 22.27 -7.02 25.55
C MET A 605 22.82 -5.73 26.14
N LYS A 606 22.55 -4.65 25.42
CA LYS A 606 22.92 -3.32 25.88
C LYS A 606 21.89 -2.80 26.88
N LYS A 607 22.34 -2.42 28.07
CA LYS A 607 21.45 -1.85 29.10
C LYS A 607 21.00 -0.43 28.75
N GLU A 608 21.79 0.29 27.98
CA GLU A 608 21.46 1.66 27.56
C GLU A 608 20.29 1.65 26.59
N CYS A 609 20.22 0.66 25.68
CA CYS A 609 19.12 0.50 24.70
C CYS A 609 17.85 0.04 25.35
N HIS A 610 16.76 0.77 25.23
CA HIS A 610 15.50 0.46 25.87
C HIS A 610 14.39 0.29 24.82
N GLY A 611 13.31 -0.31 25.32
CA GLY A 611 12.13 -0.65 24.55
C GLY A 611 12.25 -2.00 23.78
N ALA A 612 11.07 -2.56 23.45
CA ALA A 612 10.90 -3.66 22.51
C ALA A 612 11.42 -3.35 21.11
N GLY A 613 11.04 -2.21 20.53
CA GLY A 613 11.59 -1.84 19.21
C GLY A 613 11.00 -0.57 18.64
N ASN A 614 11.81 0.20 17.94
CA ASN A 614 11.35 1.42 17.30
C ASN A 614 10.66 1.13 15.91
N LEU A 615 9.31 1.22 15.87
CA LEU A 615 8.54 1.33 14.61
C LEU A 615 8.77 2.75 14.13
N LEU A 616 9.28 2.86 12.90
CA LEU A 616 9.64 4.14 12.31
C LEU A 616 9.16 4.24 10.84
N GLU A 617 8.85 5.48 10.39
CA GLU A 617 8.49 5.78 8.99
C GLU A 617 9.71 5.60 8.11
N PHE A 618 9.53 5.07 6.90
CA PHE A 618 10.65 4.79 6.02
C PHE A 618 10.42 4.91 4.49
N GLN A 619 9.46 5.73 4.06
CA GLN A 619 9.27 6.03 2.62
C GLN A 619 10.50 6.84 2.12
N GLY A 620 11.18 6.31 1.09
CA GLY A 620 12.20 7.04 0.40
C GLY A 620 13.51 7.22 1.10
N ILE A 621 13.80 6.33 2.03
CA ILE A 621 15.06 6.30 2.79
C ILE A 621 15.73 4.94 2.58
N ARG A 622 17.02 4.93 2.35
CA ARG A 622 17.83 3.69 2.19
C ARG A 622 18.11 3.12 3.55
N SER A 623 18.09 1.79 3.64
CA SER A 623 18.36 1.10 4.90
C SER A 623 19.81 1.19 5.26
N GLU A 624 20.65 1.40 4.26
CA GLU A 624 22.08 1.60 4.47
C GLU A 624 22.41 2.87 5.26
N GLN A 625 21.57 3.91 5.14
CA GLN A 625 21.76 5.15 5.91
C GLN A 625 21.12 5.11 7.29
N LEU A 626 20.58 3.97 7.71
CA LEU A 626 20.20 3.78 9.14
C LEU A 626 21.36 3.86 10.13
N ASN A 627 22.60 3.68 9.68
CA ASN A 627 23.79 3.91 10.48
C ASN A 627 23.85 5.35 11.04
N ARG A 628 23.12 6.29 10.41
CA ARG A 628 23.03 7.67 10.89
C ARG A 628 22.42 7.73 12.29
N LEU A 629 21.54 6.78 12.61
CA LEU A 629 20.93 6.70 13.95
C LEU A 629 21.90 6.41 15.12
N SER A 630 23.06 5.86 14.81
CA SER A 630 24.02 5.39 15.81
C SER A 630 24.48 6.48 16.76
N THR A 631 24.71 7.68 16.24
CA THR A 631 25.15 8.82 17.07
C THR A 631 24.03 9.41 17.95
N ARG A 632 22.76 9.04 17.67
CA ARG A 632 21.57 9.50 18.44
C ARG A 632 20.90 8.39 19.26
N ASN A 633 21.14 7.13 18.85
CA ASN A 633 20.43 5.97 19.38
C ASN A 633 21.46 4.96 19.86
N PRO A 634 21.33 4.53 21.12
CA PRO A 634 22.27 3.58 21.76
C PRO A 634 22.03 2.14 21.34
N CYS A 635 20.88 1.86 20.68
CA CYS A 635 20.47 0.51 20.36
C CYS A 635 21.20 -0.06 19.16
N ASN A 636 22.41 -0.56 19.40
CA ASN A 636 23.13 -1.42 18.44
C ASN A 636 23.22 -0.72 17.08
N ILE A 637 22.95 -1.43 15.98
CA ILE A 637 22.79 -0.74 14.66
C ILE A 637 21.40 -1.14 14.12
N THR A 638 21.35 -2.30 13.49
CA THR A 638 20.15 -2.84 12.88
C THR A 638 20.15 -4.34 13.21
N SER A 639 20.07 -4.64 14.52
CA SER A 639 20.23 -5.99 15.00
C SER A 639 19.14 -6.83 14.37
N ARG A 640 17.91 -6.34 14.46
CA ARG A 640 16.79 -6.95 13.80
C ARG A 640 16.07 -5.79 13.12
N VAL A 641 16.03 -5.79 11.80
CA VAL A 641 15.39 -4.71 11.07
C VAL A 641 14.31 -5.30 10.16
N TYR A 642 13.09 -4.80 10.26
CA TYR A 642 11.98 -5.30 9.43
C TYR A 642 11.39 -4.13 8.58
N GLY A 643 11.49 -4.19 7.26
CA GLY A 643 10.91 -3.16 6.43
C GLY A 643 9.79 -3.81 5.71
N ASP A 644 8.54 -3.65 6.14
CA ASP A 644 7.47 -4.45 5.48
C ASP A 644 6.13 -3.80 5.09
N HIS A 645 6.11 -2.50 4.82
CA HIS A 645 4.91 -1.77 4.34
C HIS A 645 3.60 -1.89 5.15
N THR A 646 3.71 -1.71 6.46
CA THR A 646 2.59 -1.61 7.43
C THR A 646 1.63 -2.81 7.42
N SER A 647 0.33 -2.49 7.53
CA SER A 647 -0.84 -3.27 7.09
C SER A 647 -1.30 -4.23 8.21
N PRO A 648 -2.27 -3.78 9.00
CA PRO A 648 -2.91 -4.56 10.08
C PRO A 648 -3.63 -5.80 9.52
N THR A 649 -3.55 -6.91 10.27
CA THR A 649 -4.12 -8.23 9.88
C THR A 649 -5.67 -8.40 9.95
N PHE A 650 -6.28 -7.88 11.01
CA PHE A 650 -7.72 -8.09 11.32
C PHE A 650 -8.75 -7.31 10.55
N ASP A 651 -10.02 -7.56 10.81
CA ASP A 651 -11.08 -6.86 10.06
C ASP A 651 -12.20 -6.16 10.89
N ASN A 652 -13.08 -6.95 11.50
CA ASN A 652 -14.33 -6.46 12.13
C ASN A 652 -14.21 -6.26 13.64
N ASN A 653 -13.27 -6.98 14.25
CA ASN A 653 -13.21 -7.23 15.70
C ASN A 653 -12.07 -6.39 16.33
N GLY A 654 -10.79 -6.80 16.27
CA GLY A 654 -9.64 -5.89 16.52
C GLY A 654 -9.34 -5.48 17.96
N SER A 655 -8.08 -5.16 18.21
CA SER A 655 -7.59 -4.75 19.54
C SER A 655 -6.21 -4.11 19.37
N MET A 656 -5.65 -3.59 20.45
CA MET A 656 -4.30 -3.09 20.44
C MET A 656 -3.24 -4.17 20.15
N MET A 657 -2.31 -3.91 19.24
CA MET A 657 -1.24 -4.87 18.80
C MET A 657 0.07 -4.76 19.54
N PHE A 658 0.40 -3.58 20.04
CA PHE A 658 1.74 -3.27 20.57
C PHE A 658 1.52 -2.37 21.79
N LEU A 659 2.15 -2.68 22.91
CA LEU A 659 2.03 -1.86 24.09
C LEU A 659 3.31 -1.88 24.89
N ASP A 660 4.08 -0.80 24.80
CA ASP A 660 5.33 -0.64 25.50
C ASP A 660 5.20 0.58 26.37
N MET A 661 5.29 0.36 27.70
CA MET A 661 5.35 1.49 28.65
C MET A 661 6.48 1.34 29.61
N SER A 662 7.57 0.73 29.14
CA SER A 662 8.72 0.42 29.94
C SER A 662 9.58 1.65 30.30
N TYR A 663 10.40 1.48 31.31
CA TYR A 663 11.31 2.44 31.81
C TYR A 663 10.64 3.76 32.20
N ASN A 664 9.58 3.64 33.00
CA ASN A 664 8.90 4.77 33.63
C ASN A 664 8.85 4.48 35.13
N MET A 665 8.07 5.27 35.87
CA MET A 665 7.84 5.07 37.30
C MET A 665 6.37 4.69 37.61
N LEU A 666 5.81 3.80 36.80
CA LEU A 666 4.43 3.31 36.97
C LEU A 666 4.26 2.40 38.21
N SER A 667 3.26 2.70 39.06
CA SER A 667 2.98 2.02 40.31
C SER A 667 1.64 1.23 40.21
N GLY A 668 1.19 0.62 41.33
CA GLY A 668 -0.09 -0.09 41.45
C GLY A 668 -0.05 -1.44 40.78
N TYR A 669 -1.24 -1.97 40.46
CA TYR A 669 -1.32 -3.29 39.81
C TYR A 669 -1.68 -3.19 38.36
N ILE A 670 -1.32 -4.21 37.60
CA ILE A 670 -1.76 -4.43 36.24
C ILE A 670 -3.20 -4.85 36.31
N PRO A 671 -4.09 -4.13 35.63
CA PRO A 671 -5.49 -4.47 35.72
C PRO A 671 -5.82 -5.69 34.91
N LYS A 672 -6.90 -6.34 35.27
CA LYS A 672 -7.30 -7.58 34.65
C LYS A 672 -7.75 -7.39 33.20
N GLU A 673 -8.03 -6.14 32.85
CA GLU A 673 -8.42 -5.81 31.47
C GLU A 673 -7.24 -5.89 30.51
N ILE A 674 -6.01 -6.04 31.01
CA ILE A 674 -4.80 -6.19 30.17
C ILE A 674 -4.89 -7.45 29.33
N GLY A 675 -5.62 -8.44 29.75
CA GLY A 675 -5.75 -9.67 28.97
C GLY A 675 -6.90 -9.69 27.99
N SER A 676 -7.47 -8.52 27.69
CA SER A 676 -8.60 -8.45 26.79
C SER A 676 -8.23 -8.13 25.35
N MET A 677 -6.93 -8.19 25.02
CA MET A 677 -6.42 -7.84 23.69
C MET A 677 -5.85 -9.06 22.95
N PRO A 678 -6.71 -9.80 22.22
CA PRO A 678 -6.29 -10.94 21.45
C PRO A 678 -5.26 -10.71 20.35
N TYR A 679 -5.24 -9.52 19.74
CA TYR A 679 -4.26 -9.18 18.67
C TYR A 679 -2.93 -8.58 19.17
N LEU A 680 -2.80 -8.48 20.50
CA LEU A 680 -1.58 -7.98 21.11
C LEU A 680 -0.38 -8.92 20.93
N PHE A 681 0.57 -8.55 20.07
CA PHE A 681 1.84 -9.24 19.84
C PHE A 681 2.82 -8.99 20.96
N ILE A 682 2.98 -7.72 21.39
CA ILE A 682 4.09 -7.30 22.26
C ILE A 682 3.54 -6.61 23.46
N LEU A 683 4.00 -6.97 24.66
CA LEU A 683 3.61 -6.32 25.91
C LEU A 683 4.85 -6.10 26.76
N ASN A 684 5.41 -4.90 26.75
CA ASN A 684 6.57 -4.52 27.56
C ASN A 684 6.14 -3.54 28.62
N LEU A 685 6.16 -3.97 29.88
CA LEU A 685 5.87 -3.10 31.03
C LEU A 685 7.03 -3.12 31.99
N GLY A 686 8.23 -3.29 31.47
CA GLY A 686 9.42 -3.52 32.27
C GLY A 686 10.00 -2.25 32.83
N HIS A 687 10.84 -2.42 33.82
CA HIS A 687 11.44 -1.30 34.50
C HIS A 687 10.45 -0.22 34.99
N ASN A 688 9.47 -0.62 35.78
CA ASN A 688 8.58 0.26 36.51
C ASN A 688 8.57 -0.11 38.03
N ASP A 689 7.59 0.45 38.75
CA ASP A 689 7.33 0.08 40.16
C ASP A 689 5.98 -0.70 40.36
N ILE A 690 5.68 -1.57 39.39
CA ILE A 690 4.37 -2.26 39.33
C ILE A 690 4.25 -3.43 40.35
N SER A 691 3.28 -3.32 41.27
CA SER A 691 3.10 -4.28 42.37
C SER A 691 1.87 -5.23 42.09
N GLY A 692 1.50 -6.03 43.13
CA GLY A 692 0.42 -7.04 43.06
C GLY A 692 0.87 -8.26 42.27
N SER A 693 -0.08 -9.13 41.93
CA SER A 693 0.30 -10.29 41.10
C SER A 693 -0.03 -10.12 39.65
N ILE A 694 0.61 -10.91 38.83
CA ILE A 694 0.33 -11.02 37.39
C ILE A 694 -1.05 -11.61 37.25
N PRO A 695 -2.00 -10.84 36.66
CA PRO A 695 -3.35 -11.31 36.54
C PRO A 695 -3.46 -12.56 35.68
N ASP A 696 -4.43 -13.39 36.05
CA ASP A 696 -4.69 -14.63 35.36
C ASP A 696 -5.16 -14.42 33.93
N GLU A 697 -5.67 -13.23 33.63
CA GLU A 697 -6.19 -12.92 32.31
C GLU A 697 -5.06 -12.85 31.26
N VAL A 698 -3.82 -12.71 31.69
CA VAL A 698 -2.71 -12.69 30.75
C VAL A 698 -2.71 -13.94 29.87
N GLY A 699 -3.19 -15.10 30.35
CA GLY A 699 -3.29 -16.34 29.55
C GLY A 699 -4.26 -16.24 28.37
N ASP A 700 -5.17 -15.28 28.41
CA ASP A 700 -6.10 -15.04 27.30
C ASP A 700 -5.44 -14.28 26.12
N LEU A 701 -4.23 -13.76 26.29
CA LEU A 701 -3.51 -13.09 25.24
C LEU A 701 -2.97 -14.08 24.22
N ARG A 702 -3.86 -14.63 23.39
CA ARG A 702 -3.53 -15.76 22.54
C ARG A 702 -2.49 -15.40 21.45
N GLY A 703 -2.49 -14.14 21.01
CA GLY A 703 -1.54 -13.64 20.00
C GLY A 703 -0.22 -13.10 20.50
N LEU A 704 0.05 -13.20 21.78
CA LEU A 704 1.24 -12.68 22.40
C LEU A 704 2.56 -13.39 22.03
N ASN A 705 3.53 -12.64 21.50
CA ASN A 705 4.89 -13.10 21.20
C ASN A 705 5.90 -12.72 22.28
N ILE A 706 5.79 -11.52 22.83
CA ILE A 706 6.76 -10.94 23.74
C ILE A 706 6.05 -10.45 24.95
N LEU A 707 6.60 -10.76 26.11
CA LEU A 707 6.03 -10.38 27.43
C LEU A 707 7.18 -10.02 28.36
N ASP A 708 7.49 -8.73 28.44
CA ASP A 708 8.50 -8.21 29.37
C ASP A 708 7.79 -7.55 30.55
N LEU A 709 7.85 -8.16 31.75
CA LEU A 709 7.34 -7.56 32.98
C LEU A 709 8.47 -7.40 34.01
N SER A 710 9.71 -7.42 33.55
CA SER A 710 10.87 -7.45 34.41
C SER A 710 11.17 -6.12 35.13
N SER A 711 12.00 -6.18 36.14
CA SER A 711 12.34 -5.05 36.99
C SER A 711 11.11 -4.27 37.48
N ASN A 712 10.20 -4.97 38.13
CA ASN A 712 9.02 -4.42 38.81
C ASN A 712 9.02 -4.97 40.25
N LYS A 713 7.91 -4.80 40.98
CA LYS A 713 7.75 -5.34 42.34
C LYS A 713 6.57 -6.37 42.38
N LEU A 714 6.38 -7.08 41.27
CA LEU A 714 5.30 -8.09 41.16
C LEU A 714 5.55 -9.29 42.11
N ASP A 715 4.49 -9.85 42.67
CA ASP A 715 4.60 -10.91 43.72
C ASP A 715 3.57 -12.02 43.48
N GLY A 716 3.66 -13.12 44.25
CA GLY A 716 2.70 -14.23 44.15
C GLY A 716 3.11 -15.17 43.02
N ARG A 717 2.23 -16.06 42.67
CA ARG A 717 2.51 -17.12 41.69
C ARG A 717 2.30 -16.56 40.28
N ILE A 718 3.09 -17.10 39.34
CA ILE A 718 2.86 -17.00 37.94
C ILE A 718 1.64 -17.84 37.65
N PRO A 719 0.56 -17.25 37.15
CA PRO A 719 -0.64 -18.05 36.96
C PRO A 719 -0.49 -19.22 35.98
N GLN A 720 -1.03 -20.37 36.35
CA GLN A 720 -1.10 -21.54 35.50
C GLN A 720 -1.77 -21.25 34.14
N ALA A 721 -2.70 -20.29 34.09
CA ALA A 721 -3.39 -19.89 32.84
C ALA A 721 -2.47 -19.49 31.71
N MET A 722 -1.28 -19.00 32.02
CA MET A 722 -0.24 -18.64 31.05
C MET A 722 0.34 -19.81 30.29
N SER A 723 0.08 -21.03 30.75
CA SER A 723 0.45 -22.23 30.01
C SER A 723 -0.32 -22.38 28.72
N ALA A 724 -1.48 -21.73 28.64
CA ALA A 724 -2.28 -21.72 27.41
C ALA A 724 -1.65 -20.87 26.30
N LEU A 725 -0.70 -19.99 26.63
CA LEU A 725 -0.02 -19.13 25.63
C LEU A 725 0.89 -20.00 24.81
N THR A 726 0.70 -20.01 23.50
CA THR A 726 1.46 -20.90 22.62
C THR A 726 2.46 -20.25 21.67
N MET A 727 2.46 -18.92 21.59
CA MET A 727 3.22 -18.17 20.62
C MET A 727 4.25 -17.23 21.20
N LEU A 728 4.54 -17.33 22.48
CA LEU A 728 5.63 -16.58 23.04
C LEU A 728 7.01 -16.94 22.44
N THR A 729 7.66 -16.00 21.83
CA THR A 729 9.01 -16.12 21.35
C THR A 729 9.98 -15.54 22.42
N GLU A 730 9.51 -14.64 23.29
CA GLU A 730 10.36 -14.03 24.35
C GLU A 730 9.56 -13.76 25.59
N ILE A 731 10.18 -13.92 26.74
CA ILE A 731 9.53 -13.59 28.02
C ILE A 731 10.58 -13.12 29.01
N ASP A 732 10.20 -12.26 29.93
CA ASP A 732 11.08 -11.75 30.99
C ASP A 732 10.26 -11.36 32.21
N LEU A 733 10.44 -12.12 33.30
CA LEU A 733 9.77 -11.95 34.59
C LEU A 733 10.80 -11.70 35.70
N SER A 734 12.03 -11.38 35.33
CA SER A 734 13.14 -11.25 36.26
C SER A 734 13.10 -9.96 37.06
N ASN A 735 13.85 -9.95 38.17
CA ASN A 735 13.83 -8.78 39.10
C ASN A 735 12.41 -8.38 39.54
N ASN A 736 11.77 -9.31 40.20
CA ASN A 736 10.48 -9.12 40.85
C ASN A 736 10.52 -9.85 42.23
N ASN A 737 9.36 -10.00 42.89
CA ASN A 737 9.27 -10.84 44.12
C ASN A 737 8.28 -12.02 43.93
N LEU A 738 8.25 -12.57 42.70
CA LEU A 738 7.40 -13.72 42.38
C LEU A 738 7.83 -14.97 43.18
N SER A 739 6.84 -15.82 43.44
CA SER A 739 7.04 -17.03 44.29
C SER A 739 6.39 -18.27 43.66
N GLY A 740 6.64 -19.39 44.31
CA GLY A 740 5.99 -20.65 43.94
C GLY A 740 6.63 -21.26 42.72
N PRO A 741 6.01 -22.33 42.21
CA PRO A 741 6.60 -23.03 41.08
C PRO A 741 6.32 -22.37 39.77
N ILE A 742 7.31 -22.32 38.89
CA ILE A 742 7.13 -22.03 37.50
C ILE A 742 6.28 -23.11 36.80
N PRO A 743 5.22 -22.70 36.06
CA PRO A 743 4.34 -23.64 35.37
C PRO A 743 5.10 -24.62 34.52
N GLU A 744 4.76 -25.88 34.70
CA GLU A 744 5.53 -26.89 33.97
C GLU A 744 4.92 -27.03 32.57
N MET A 745 3.63 -26.69 32.38
CA MET A 745 3.05 -26.82 31.03
C MET A 745 3.33 -25.55 30.24
N GLY A 746 2.99 -25.60 28.96
CA GLY A 746 3.12 -24.50 28.08
C GLY A 746 4.55 -24.28 27.62
N GLN A 747 5.02 -23.03 27.62
CA GLN A 747 6.27 -22.61 27.00
C GLN A 747 7.37 -22.23 27.96
N PHE A 748 7.13 -22.33 29.27
CA PHE A 748 8.11 -21.93 30.29
C PHE A 748 9.40 -22.71 30.30
N GLU A 749 9.42 -23.93 29.87
CA GLU A 749 10.66 -24.75 29.95
C GLU A 749 11.55 -24.33 28.77
N THR A 750 10.93 -23.74 27.71
CA THR A 750 11.67 -23.19 26.53
C THR A 750 12.63 -22.06 26.91
N PHE A 751 12.26 -21.28 27.89
CA PHE A 751 13.01 -20.06 28.23
C PHE A 751 14.08 -20.36 29.25
N PRO A 752 15.21 -19.64 29.15
CA PRO A 752 16.36 -19.91 30.00
C PRO A 752 16.17 -19.41 31.40
N PRO A 753 17.06 -19.80 32.32
CA PRO A 753 16.97 -19.32 33.69
C PRO A 753 16.98 -17.81 33.84
N ALA A 754 17.79 -17.15 33.04
CA ALA A 754 17.97 -15.69 33.17
C ALA A 754 16.66 -14.86 33.13
N LYS A 755 15.62 -15.36 32.45
CA LYS A 755 14.32 -14.69 32.37
C LYS A 755 13.47 -14.81 33.61
N PHE A 756 13.91 -15.58 34.62
CA PHE A 756 13.23 -15.72 35.90
C PHE A 756 14.13 -15.39 37.08
N LEU A 757 15.35 -14.90 36.84
CA LEU A 757 16.32 -14.60 37.93
C LEU A 757 15.92 -13.45 38.82
N ASN A 758 16.59 -13.35 39.96
CA ASN A 758 16.21 -12.45 41.04
C ASN A 758 14.73 -12.47 41.37
N ASN A 759 14.25 -13.66 41.67
CA ASN A 759 12.92 -13.92 42.21
C ASN A 759 13.17 -14.96 43.31
N PRO A 760 13.43 -14.48 44.53
CA PRO A 760 13.97 -15.38 45.57
C PRO A 760 13.06 -16.58 45.87
N GLY A 761 11.77 -16.33 46.02
CA GLY A 761 10.77 -17.38 46.20
C GLY A 761 10.39 -18.26 45.02
N LEU A 762 10.71 -17.86 43.83
CA LEU A 762 10.37 -18.59 42.63
C LEU A 762 11.28 -19.81 42.45
N CYS A 763 10.71 -20.94 42.03
CA CYS A 763 11.47 -22.18 41.84
C CYS A 763 10.84 -23.01 40.70
N GLY A 764 11.44 -24.19 40.39
CA GLY A 764 10.98 -25.06 39.31
C GLY A 764 11.73 -24.74 38.02
N TYR A 765 11.94 -25.77 37.19
CA TYR A 765 12.70 -25.62 35.95
C TYR A 765 12.14 -24.50 35.09
N PRO A 766 12.97 -23.61 34.56
CA PRO A 766 14.43 -23.71 34.50
C PRO A 766 15.24 -23.42 35.75
N LEU A 767 14.60 -22.93 36.81
CA LEU A 767 15.28 -22.69 38.06
C LEU A 767 15.41 -24.00 38.82
N PRO A 768 16.14 -23.98 39.94
CA PRO A 768 16.25 -25.26 40.69
C PRO A 768 14.90 -25.86 41.19
N ARG A 769 14.86 -27.16 41.51
CA ARG A 769 13.61 -27.83 41.97
C ARG A 769 13.05 -27.08 43.21
N CYS A 770 11.71 -26.95 43.22
CA CYS A 770 10.98 -26.46 44.39
C CYS A 770 11.09 -27.48 45.51
N ASP A 771 11.95 -27.26 46.51
CA ASP A 771 11.83 -28.11 47.67
C ASP A 771 11.10 -27.38 48.81
N PRO A 772 10.14 -28.08 49.50
CA PRO A 772 9.41 -27.50 50.64
C PRO A 772 10.32 -27.29 51.86
C1 NAG B . 3.83 -0.76 -16.24
C2 NAG B . 2.62 -0.04 -15.67
C3 NAG B . 2.61 0.00 -14.15
C4 NAG B . 2.77 -1.41 -13.58
C5 NAG B . 4.03 -1.98 -14.18
C6 NAG B . 4.41 -3.36 -13.61
C7 NAG B . 1.50 1.63 -17.09
C8 NAG B . 1.45 3.09 -17.41
N2 NAG B . 2.44 1.30 -16.19
O3 NAG B . 1.39 0.59 -13.69
O4 NAG B . 2.87 -1.31 -12.15
O5 NAG B . 3.89 -2.03 -15.62
O6 NAG B . 3.51 -4.37 -14.01
O7 NAG B . 0.74 0.88 -17.66
C1 NAG B . 1.98 -2.23 -11.47
C2 NAG B . 2.37 -2.43 -9.98
C3 NAG B . 1.46 -3.46 -9.31
C4 NAG B . -0.03 -3.19 -9.59
C5 NAG B . -0.27 -2.96 -11.10
C6 NAG B . -1.73 -2.66 -11.42
C7 NAG B . 4.80 -2.05 -9.76
C8 NAG B . 6.14 -2.72 -9.84
N2 NAG B . 3.75 -2.89 -9.93
O3 NAG B . 1.70 -3.42 -7.92
O4 NAG B . -0.83 -4.27 -9.05
O5 NAG B . 0.58 -1.88 -11.54
O6 NAG B . -2.06 -3.24 -12.70
O7 NAG B . 4.66 -0.84 -9.57
C1 NAG C . -23.13 -19.24 -4.80
C2 NAG C . -23.09 -20.70 -4.35
C3 NAG C . -24.35 -20.94 -3.53
C4 NAG C . -24.50 -19.90 -2.42
C5 NAG C . -24.34 -18.45 -2.88
C6 NAG C . -24.29 -17.39 -1.75
C7 NAG C . -22.04 -22.23 -5.99
C8 NAG C . -22.28 -23.02 -7.27
N2 NAG C . -23.10 -21.57 -5.51
O3 NAG C . -24.28 -22.27 -2.98
O4 NAG C . -25.81 -20.04 -1.82
O5 NAG C . -23.13 -18.41 -3.64
O6 NAG C . -24.08 -17.92 -0.41
O7 NAG C . -20.94 -22.18 -5.45
C1 NAG C . -25.89 -20.53 -0.44
C2 NAG C . -26.84 -21.73 -0.47
C3 NAG C . -26.92 -22.42 0.89
C4 NAG C . -25.51 -22.72 1.41
C5 NAG C . -24.65 -21.44 1.46
C6 NAG C . -23.20 -21.70 1.89
C7 NAG C . -28.57 -21.57 -2.24
C8 NAG C . -29.94 -21.04 -2.61
N2 NAG C . -28.15 -21.30 -1.00
O3 NAG C . -27.69 -23.61 0.75
O4 NAG C . -25.54 -23.38 2.70
O5 NAG C . -24.63 -20.88 0.16
O6 NAG C . -23.12 -22.31 3.20
O7 NAG C . -27.94 -22.22 -3.08
C1 NAG D . 3.55 11.95 39.51
C2 NAG D . 3.12 12.10 40.95
C3 NAG D . 2.45 13.44 41.13
C4 NAG D . 3.38 14.59 40.68
C5 NAG D . 3.80 14.33 39.25
C6 NAG D . 4.73 15.40 38.69
C7 NAG D . 2.48 9.96 41.93
C8 NAG D . 1.34 9.01 42.19
N2 NAG D . 2.15 11.06 41.28
O3 NAG D . 2.04 13.55 42.50
O4 NAG D . 2.69 15.86 40.73
O5 NAG D . 4.42 13.03 39.16
O6 NAG D . 5.89 15.59 39.47
O7 NAG D . 3.61 9.76 42.35
C1 NAG D . 2.92 16.57 41.97
C2 NAG D . 1.55 16.70 42.59
C3 NAG D . 1.70 17.55 43.87
C4 NAG D . 2.73 16.87 44.83
C5 NAG D . 4.06 16.72 44.10
C6 NAG D . 5.13 16.06 44.93
C7 NAG D . 0.97 18.52 41.02
C8 NAG D . -0.33 19.20 41.17
N2 NAG D . 0.74 17.57 41.83
O3 NAG D . 0.47 17.75 44.58
O4 NAG D . 2.91 17.65 46.00
O5 NAG D . 3.85 15.99 42.88
O6 NAG D . 6.40 16.33 44.34
O7 NAG D . 1.94 18.65 40.26
C1 FUC D . 7.04 14.83 39.17
C2 FUC D . 8.04 15.76 38.51
C3 FUC D . 8.44 16.90 39.45
C4 FUC D . 8.99 16.34 40.76
C5 FUC D . 7.96 15.37 41.35
C6 FUC D . 8.51 14.66 42.58
O2 FUC D . 7.49 16.32 37.34
O3 FUC D . 9.39 17.75 38.82
O4 FUC D . 10.15 15.60 40.46
O5 FUC D . 7.61 14.35 40.39
C1 NAG E . 17.88 8.95 24.22
C2 NAG E . 18.87 7.70 24.16
C3 NAG E . 20.24 8.14 24.57
C4 NAG E . 20.64 9.35 23.73
C5 NAG E . 19.64 10.49 23.89
C6 NAG E . 20.04 11.71 23.09
C7 NAG E . 17.61 5.69 24.66
C8 NAG E . 16.98 4.87 25.76
N2 NAG E . 18.31 6.73 25.06
O3 NAG E . 21.15 7.07 24.40
O4 NAG E . 21.93 9.79 24.15
O5 NAG E . 18.37 10.07 23.44
O6 NAG E . 19.99 11.39 21.70
O7 NAG E . 17.52 5.38 23.49
C1 NAG E . 22.87 9.77 23.08
C2 NAG E . 24.05 10.66 23.46
C3 NAG E . 25.11 10.65 22.38
C4 NAG E . 25.47 9.23 21.98
C5 NAG E . 24.22 8.41 21.68
C6 NAG E . 24.59 6.96 21.33
C7 NAG E . 23.37 12.55 24.87
C8 NAG E . 22.87 13.97 24.85
N2 NAG E . 23.59 12.03 23.66
O3 NAG E . 26.27 11.31 22.88
O4 NAG E . 26.30 9.23 20.81
O5 NAG E . 23.29 8.43 22.77
O6 NAG E . 25.07 6.27 22.48
O7 NAG E . 23.51 11.93 25.92
C1 BMA E . 27.68 9.01 21.16
C2 BMA E . 28.26 7.84 20.36
C3 BMA E . 29.75 7.68 20.64
C4 BMA E . 30.46 9.02 20.45
C5 BMA E . 29.81 10.07 21.34
C6 BMA E . 30.53 11.44 21.29
O2 BMA E . 28.11 8.08 18.96
O3 BMA E . 30.28 6.65 19.79
O4 BMA E . 31.84 8.90 20.78
O5 BMA E . 28.43 10.21 20.96
O6 BMA E . 29.71 12.43 21.95
C1 NAG F . 5.84 -21.03 -13.46
C2 NAG F . 5.33 -21.89 -12.32
C3 NAG F . 6.35 -22.98 -11.96
C4 NAG F . 6.88 -23.74 -13.19
C5 NAG F . 7.39 -22.72 -14.24
C6 NAG F . 7.89 -23.34 -15.54
C7 NAG F . 3.93 -20.60 -10.74
C8 NAG F . 4.01 -19.61 -9.59
N2 NAG F . 5.14 -20.98 -11.20
O3 NAG F . 5.73 -23.90 -11.04
O4 NAG F . 7.90 -24.68 -12.77
O5 NAG F . 6.31 -21.85 -14.55
O6 NAG F . 6.80 -23.99 -16.24
O7 NAG F . 2.85 -21.04 -11.20
C1 NAG G . 27.88 5.80 -8.88
C2 NAG G . 28.96 4.71 -8.77
C3 NAG G . 30.18 5.23 -8.01
C4 NAG G . 30.70 6.55 -8.61
C5 NAG G . 29.53 7.55 -8.61
C6 NAG G . 29.85 8.98 -9.09
C7 NAG G . 28.43 2.29 -8.55
C8 NAG G . 27.69 1.27 -7.71
N2 NAG G . 28.36 3.55 -8.12
O3 NAG G . 31.20 4.25 -8.06
O4 NAG G . 31.85 7.03 -7.88
O5 NAG G . 28.48 7.00 -9.42
O6 NAG G . 30.42 8.99 -10.41
O7 NAG G . 29.06 1.98 -9.55
C1 NAG H . -12.08 -11.64 13.75
C2 NAG H . -11.72 -13.08 14.15
C3 NAG H . -11.21 -13.90 12.93
C4 NAG H . -11.85 -13.59 11.57
C5 NAG H . -12.15 -12.09 11.39
C6 NAG H . -13.00 -11.83 10.15
C7 NAG H . -10.14 -14.16 15.78
C8 NAG H . -8.95 -13.97 16.66
N2 NAG H . -10.60 -13.07 15.11
O3 NAG H . -11.38 -15.32 13.12
O4 NAG H . -10.97 -14.05 10.52
O5 NAG H . -12.85 -11.60 12.54
O6 NAG H . -12.19 -11.94 8.98
O7 NAG H . -10.62 -15.28 15.72
C1 NAG I . -9.70 24.62 17.81
C2 NAG I . -10.34 25.76 17.01
C3 NAG I . -11.24 26.67 17.88
C4 NAG I . -12.21 25.82 18.72
C5 NAG I . -11.37 24.86 19.57
C6 NAG I . -12.16 24.03 20.61
C7 NAG I . -9.00 26.36 15.02
C8 NAG I . -7.95 27.27 14.43
N2 NAG I . -9.32 26.54 16.33
O3 NAG I . -11.91 27.61 17.03
O4 NAG I . -13.05 26.69 19.50
O5 NAG I . -10.69 23.98 18.67
O6 NAG I . -12.98 23.07 19.94
O7 NAG I . -9.52 25.53 14.30
C1 EDO J . -39.21 -5.88 -25.32
O1 EDO J . -38.02 -5.26 -24.77
C2 EDO J . -38.97 -6.90 -26.45
O2 EDO J . -37.96 -6.53 -27.43
#